data_9S8W
#
_entry.id   9S8W
#
_cell.length_a   69.738
_cell.length_b   69.738
_cell.length_c   429.781
_cell.angle_alpha   90
_cell.angle_beta   90
_cell.angle_gamma   90
#
_symmetry.space_group_name_H-M   'P 41 21 2'
#
loop_
_entity.id
_entity.type
_entity.pdbx_description
1 polymer Heparanase
2 polymer 'Heparanase 8 kDa subunit'
3 polymer 'A54 Fab heavy chain'
4 polymer 'A54 Fab light chain'
5 branched alpha-L-fucopyranose-(1-6)-2-acetamido-2-deoxy-beta-D-glucopyranose
6 non-polymer 2-acetamido-2-deoxy-beta-D-glucopyranose
7 water water
#
loop_
_entity_poly.entity_id
_entity_poly.type
_entity_poly.pdbx_seq_one_letter_code
_entity_poly.pdbx_strand_id
1 'polypeptide(L)'
;KKFKNSTYSRSSVDVLYTFANCSGLDLIFGLNALLRTADLQWNSSNAQLLLDYCSSKGYNISWELGNEPNSFLKKADIFI
NGSQLGEDFIQLHKLLRKSTFKNAKLYGPDVGQPRRKTAKMLKSFLKAGGEVIDSVTWHHYYLNGRTATREDFLNPDVLD
IFISSVQKVFQVVESTRPGKKVWLGETSSAYGGGAPLLSDTFAAGFMWLDKLGLSARMGIEVVMRQVFFGAGNYHLVDEN
FDPLPDYWLSLLFKKLVGTKVLMASVQGSKRRKLRVYLHCTNTDNPRYKEGDLTLYAINLHNVTKYLRLPYPFSNKQVDK
YLLRPLGPHGLLSKSVQLNGLTLKMVDDQTLPPLMEKPLRPGSSLGLPAFSYSFFVIRNAKVAACI
;
A
2 'polypeptide(L)' QDVVDLDFFTQEPLHLVSPSFLSVTIDANLATDPRFLILLGSPKLRTLARGLSPAYLRFGGTKTDFLIFDPKKE B
3 'polypeptide(L)'
;QVQLQQSGAELAKPGASVRMSCKASGYTFTNYWMHWVKQRPGQGLEWIGYINPTTGYTEYNQKFKDKATLTADKSSSTAY
MQLSSLTSEDSAVYYCARGGAGYDYDEDYAMDYWGQGTSVTVSSAKTTPPSVYPLAPGSAAQTNSMVTLGCLVKGYFPEP
VTVTWNSGSLSSGVHTFPAVLQSDLYTLSSSVTVPSSPRPSETVTCNVAHPASSTKVDKKIV
;
H
4 'polypeptide(L)'
;DIVLTQSPASLAVSLGQRATISCRASESVEYFGTSYMNWYQQKPGQPPKLLIYLASILESGIPARFSGSGSGTDFTLNIH
PVEEEDAATYYCQQSNEDPYTFGGGTKLEIKRADAAPTVSIFPPSSEQLTSGGASVVCFLNNFYPKDINVKWKIDGSERQ
NGVLNSWTDQDSKDSTYSMSSTLTLTKDEYERHNSYTCEATHKTSTSPIVKSFNRNEC
;
L
#
loop_
_chem_comp.id
_chem_comp.type
_chem_comp.name
_chem_comp.formula
FUC L-saccharide, alpha linking alpha-L-fucopyranose 'C6 H12 O5'
NAG D-saccharide, beta linking 2-acetamido-2-deoxy-beta-D-glucopyranose 'C8 H15 N O6'
#
# COMPACT_ATOMS: atom_id res chain seq x y z
N LYS A 2 2.37 14.02 13.93
CA LYS A 2 2.57 13.54 15.32
C LYS A 2 3.56 14.44 16.06
N PHE A 3 4.86 14.32 15.71
CA PHE A 3 5.96 14.93 16.46
C PHE A 3 5.89 16.45 16.39
N LYS A 4 6.04 17.08 17.57
CA LYS A 4 6.21 18.52 17.70
C LYS A 4 7.71 18.81 17.79
N ASN A 5 8.07 20.07 17.55
CA ASN A 5 9.43 20.53 17.70
C ASN A 5 9.86 20.45 19.15
N SER A 6 11.15 20.09 19.33
CA SER A 6 11.87 20.10 20.60
C SER A 6 13.19 20.88 20.45
N THR A 7 13.62 21.49 21.55
CA THR A 7 14.89 22.19 21.63
C THR A 7 15.94 21.22 22.11
N TYR A 8 17.21 21.43 21.74
CA TYR A 8 18.32 20.77 22.42
C TYR A 8 19.42 21.79 22.66
N SER A 9 20.29 21.46 23.63
CA SER A 9 21.23 22.37 24.26
C SER A 9 22.66 22.04 23.85
N ARG A 10 23.56 23.01 24.07
CA ARG A 10 25.00 22.77 24.02
C ARG A 10 25.34 21.54 24.86
N SER A 11 24.74 21.43 26.05
CA SER A 11 25.00 20.36 26.99
C SER A 11 24.76 18.98 26.36
N SER A 12 23.59 18.84 25.71
CA SER A 12 23.20 17.64 24.98
C SER A 12 24.26 17.30 23.94
N VAL A 13 24.71 18.32 23.21
CA VAL A 13 25.70 18.15 22.17
C VAL A 13 26.99 17.63 22.80
N ASP A 14 27.41 18.19 23.94
CA ASP A 14 28.63 17.74 24.62
C ASP A 14 28.49 16.29 25.08
N VAL A 15 27.31 15.89 25.58
CA VAL A 15 27.03 14.52 26.01
C VAL A 15 27.24 13.52 24.86
N LEU A 16 26.56 13.81 23.74
CA LEU A 16 26.66 13.00 22.54
C LEU A 16 28.09 12.90 22.02
N TYR A 17 28.76 14.06 21.89
CA TYR A 17 30.10 14.10 21.36
C TYR A 17 31.06 13.28 22.23
N THR A 18 30.91 13.42 23.55
CA THR A 18 31.84 12.80 24.48
C THR A 18 31.64 11.29 24.49
N PHE A 19 30.37 10.88 24.40
CA PHE A 19 30.04 9.48 24.23
C PHE A 19 30.75 8.88 23.00
N ALA A 20 30.66 9.57 21.85
CA ALA A 20 31.32 9.13 20.62
C ALA A 20 32.85 9.13 20.79
N ASN A 21 33.41 10.27 21.18
CA ASN A 21 34.86 10.45 21.33
C ASN A 21 35.42 9.36 22.24
N CYS A 22 34.81 9.23 23.42
CA CYS A 22 35.22 8.34 24.49
C CYS A 22 35.07 6.85 24.11
N SER A 23 34.22 6.54 23.12
CA SER A 23 33.99 5.18 22.65
C SER A 23 34.77 4.85 21.37
N GLY A 24 35.56 5.81 20.86
CA GLY A 24 36.32 5.65 19.63
C GLY A 24 35.45 5.62 18.38
N LEU A 25 34.31 6.34 18.42
CA LEU A 25 33.36 6.40 17.32
C LEU A 25 33.42 7.77 16.62
N ASP A 26 33.17 7.77 15.30
CA ASP A 26 33.11 8.94 14.44
C ASP A 26 31.64 9.37 14.31
N LEU A 27 31.31 10.55 14.84
CA LEU A 27 29.93 11.03 14.92
C LEU A 27 29.50 11.62 13.57
N ILE A 28 28.32 11.16 13.09
CA ILE A 28 27.59 11.80 12.01
C ILE A 28 26.31 12.39 12.61
N PHE A 29 26.11 13.71 12.44
CA PHE A 29 24.98 14.44 13.02
C PHE A 29 24.02 14.91 11.92
N GLY A 30 22.75 14.50 12.05
CA GLY A 30 21.72 14.86 11.09
C GLY A 30 21.09 16.20 11.46
N LEU A 31 21.16 17.16 10.54
CA LEU A 31 20.55 18.47 10.75
C LEU A 31 19.09 18.50 10.31
N ASN A 32 18.33 19.44 10.87
CA ASN A 32 16.88 19.56 10.62
C ASN A 32 16.66 20.30 9.29
N ALA A 33 16.04 19.58 8.34
CA ALA A 33 15.80 20.08 6.98
C ALA A 33 14.44 20.76 6.84
N LEU A 34 13.58 20.67 7.87
CA LEU A 34 12.24 21.26 7.79
C LEU A 34 12.21 22.71 8.30
N LEU A 35 13.36 23.31 8.63
CA LEU A 35 13.43 24.73 8.92
C LEU A 35 13.49 25.41 7.56
N ARG A 36 12.46 26.19 7.22
CA ARG A 36 12.29 26.67 5.85
C ARG A 36 12.08 28.19 5.83
N THR A 37 12.56 28.84 4.76
CA THR A 37 12.28 30.25 4.48
C THR A 37 10.95 30.37 3.74
N ALA A 38 10.58 31.62 3.43
CA ALA A 38 9.36 31.90 2.67
C ALA A 38 9.38 31.22 1.31
N ASP A 39 10.54 31.21 0.64
CA ASP A 39 10.69 30.67 -0.71
C ASP A 39 10.80 29.14 -0.67
N LEU A 40 10.59 28.53 0.52
CA LEU A 40 10.78 27.09 0.78
C LEU A 40 12.23 26.64 0.54
N GLN A 41 13.19 27.53 0.80
CA GLN A 41 14.61 27.22 0.84
C GLN A 41 14.86 26.83 2.27
N TRP A 42 16.05 26.32 2.53
CA TRP A 42 16.38 25.90 3.87
C TRP A 42 16.89 27.09 4.68
N ASN A 43 16.34 27.31 5.89
CA ASN A 43 16.84 28.33 6.79
C ASN A 43 18.05 27.71 7.47
N SER A 44 19.22 28.12 6.98
CA SER A 44 20.51 27.65 7.43
C SER A 44 20.90 28.13 8.82
N SER A 45 20.06 29.02 9.40
CA SER A 45 20.48 29.80 10.56
C SER A 45 20.65 28.89 11.78
N ASN A 46 19.69 28.00 12.05
CA ASN A 46 19.85 27.19 13.26
C ASN A 46 21.07 26.30 13.09
N ALA A 47 21.34 25.89 11.84
CA ALA A 47 22.50 25.07 11.55
C ALA A 47 23.77 25.89 11.76
N GLN A 48 23.74 27.14 11.28
CA GLN A 48 24.90 27.99 11.45
C GLN A 48 25.27 28.06 12.93
N LEU A 49 24.28 28.19 13.83
CA LEU A 49 24.54 28.34 15.25
C LEU A 49 25.21 27.06 15.79
N LEU A 50 24.67 25.90 15.42
CA LEU A 50 25.25 24.64 15.84
C LEU A 50 26.71 24.53 15.37
N LEU A 51 26.95 24.78 14.07
CA LEU A 51 28.28 24.66 13.47
C LEU A 51 29.32 25.49 14.21
N ASP A 52 28.98 26.76 14.49
CA ASP A 52 29.82 27.70 15.21
C ASP A 52 30.12 27.13 16.59
N TYR A 53 29.11 26.57 17.26
CA TYR A 53 29.33 26.00 18.57
C TYR A 53 30.32 24.83 18.49
N CYS A 54 30.11 23.91 17.56
CA CYS A 54 30.97 22.74 17.39
C CYS A 54 32.39 23.15 17.00
N SER A 55 32.50 24.09 16.04
CA SER A 55 33.78 24.69 15.64
C SER A 55 34.52 25.23 16.86
N SER A 56 33.81 25.97 17.73
CA SER A 56 34.40 26.60 18.91
C SER A 56 34.91 25.57 19.91
N LYS A 57 34.36 24.33 19.90
CA LYS A 57 34.78 23.26 20.81
C LYS A 57 35.84 22.33 20.20
N GLY A 58 36.18 22.54 18.92
CA GLY A 58 37.10 21.70 18.17
C GLY A 58 36.60 20.27 17.95
N TYR A 59 35.27 20.15 17.76
CA TYR A 59 34.60 18.88 17.56
C TYR A 59 34.71 18.38 16.11
N ASN A 60 35.20 17.14 15.94
CA ASN A 60 35.39 16.53 14.63
C ASN A 60 34.12 15.73 14.34
N ILE A 61 33.24 16.29 13.49
CA ILE A 61 31.91 15.75 13.26
C ILE A 61 31.63 15.79 11.77
N SER A 62 30.93 14.75 11.26
CA SER A 62 30.37 14.73 9.91
C SER A 62 28.87 14.98 9.96
N TRP A 63 28.29 15.31 8.80
CA TRP A 63 26.96 15.91 8.75
C TRP A 63 26.06 15.24 7.74
N GLU A 64 24.76 15.25 8.07
CA GLU A 64 23.65 14.91 7.20
C GLU A 64 22.61 16.04 7.30
N LEU A 65 21.71 16.10 6.33
CA LEU A 65 20.62 17.07 6.32
C LEU A 65 19.31 16.37 5.92
N GLY A 66 18.42 16.29 6.91
CA GLY A 66 17.13 15.67 6.77
C GLY A 66 17.22 14.15 6.85
N ASN A 67 16.08 13.57 7.26
CA ASN A 67 15.84 12.13 7.45
C ASN A 67 14.57 11.71 6.69
N GLU A 68 14.66 10.70 5.81
CA GLU A 68 13.50 10.22 5.06
C GLU A 68 12.69 11.42 4.54
N PRO A 69 13.31 12.24 3.65
CA PRO A 69 12.59 13.36 3.04
C PRO A 69 11.43 12.93 2.13
N ASN A 70 11.45 11.70 1.62
CA ASN A 70 10.30 11.11 0.93
C ASN A 70 9.05 11.06 1.80
N SER A 71 9.18 11.29 3.12
CA SER A 71 8.10 11.20 4.11
C SER A 71 7.69 12.57 4.63
N PHE A 72 8.27 13.67 4.13
CA PHE A 72 8.04 14.97 4.75
C PHE A 72 6.58 15.37 4.65
N LEU A 73 5.99 15.05 3.50
CA LEU A 73 4.59 15.30 3.31
C LEU A 73 3.77 14.60 4.38
N LYS A 74 3.93 13.28 4.53
CA LYS A 74 3.22 12.51 5.54
C LYS A 74 3.44 13.08 6.96
N LYS A 75 4.70 13.41 7.30
CA LYS A 75 5.11 13.70 8.66
C LYS A 75 4.86 15.15 9.08
N ALA A 76 4.94 16.09 8.11
CA ALA A 76 4.94 17.50 8.43
C ALA A 76 4.12 18.34 7.44
N ASP A 77 3.43 17.69 6.49
CA ASP A 77 2.57 18.36 5.52
C ASP A 77 3.35 19.35 4.66
N ILE A 78 4.64 19.05 4.41
CA ILE A 78 5.53 19.88 3.60
C ILE A 78 6.17 18.95 2.57
N PHE A 79 6.20 19.38 1.30
CA PHE A 79 6.86 18.60 0.26
C PHE A 79 8.06 19.37 -0.31
N ILE A 80 9.24 18.73 -0.23
CA ILE A 80 10.49 19.24 -0.75
C ILE A 80 10.92 18.30 -1.87
N ASN A 81 10.92 18.78 -3.12
CA ASN A 81 11.32 17.94 -4.24
C ASN A 81 12.83 17.65 -4.15
N GLY A 82 13.33 16.58 -4.80
CA GLY A 82 14.74 16.24 -4.80
C GLY A 82 15.67 17.38 -5.25
N SER A 83 15.25 18.13 -6.27
CA SER A 83 15.96 19.30 -6.80
C SER A 83 16.36 20.26 -5.68
N GLN A 84 15.33 20.71 -4.96
CA GLN A 84 15.47 21.69 -3.89
C GLN A 84 16.30 21.12 -2.76
N LEU A 85 16.06 19.86 -2.40
CA LEU A 85 16.86 19.25 -1.36
C LEU A 85 18.33 19.28 -1.78
N GLY A 86 18.61 19.02 -3.06
CA GLY A 86 19.95 19.13 -3.59
C GLY A 86 20.55 20.53 -3.41
N GLU A 87 19.75 21.57 -3.72
CA GLU A 87 20.16 22.94 -3.51
C GLU A 87 20.46 23.21 -2.04
N ASP A 88 19.60 22.71 -1.14
CA ASP A 88 19.79 22.87 0.30
C ASP A 88 21.14 22.27 0.74
N PHE A 89 21.50 21.08 0.23
CA PHE A 89 22.79 20.44 0.50
C PHE A 89 23.95 21.30 0.00
N ILE A 90 23.79 21.92 -1.17
CA ILE A 90 24.82 22.80 -1.68
C ILE A 90 25.06 23.93 -0.68
N GLN A 91 23.97 24.44 -0.08
CA GLN A 91 24.06 25.56 0.85
C GLN A 91 24.78 25.12 2.12
N LEU A 92 24.53 23.87 2.55
CA LEU A 92 25.20 23.31 3.72
C LEU A 92 26.69 23.14 3.43
N HIS A 93 27.02 22.64 2.22
CA HIS A 93 28.40 22.47 1.78
C HIS A 93 29.16 23.79 1.82
N LYS A 94 28.56 24.89 1.36
CA LYS A 94 29.22 26.19 1.42
C LYS A 94 29.56 26.55 2.87
N LEU A 95 28.62 26.33 3.79
CA LEU A 95 28.81 26.67 5.20
C LEU A 95 29.91 25.82 5.81
N LEU A 96 29.99 24.55 5.42
CA LEU A 96 31.03 23.68 5.94
C LEU A 96 32.40 24.11 5.49
N ARG A 97 32.52 24.53 4.22
CA ARG A 97 33.81 24.90 3.67
C ARG A 97 34.35 26.22 4.21
N LYS A 98 33.46 27.07 4.74
CA LYS A 98 33.81 28.32 5.39
C LYS A 98 33.98 28.19 6.90
N SER A 99 33.99 26.96 7.43
CA SER A 99 34.06 26.72 8.87
C SER A 99 35.47 26.26 9.21
N THR A 100 35.73 26.14 10.51
CA THR A 100 37.03 25.72 11.05
C THR A 100 37.40 24.31 10.53
N PHE A 101 36.38 23.43 10.35
CA PHE A 101 36.46 22.09 9.74
C PHE A 101 35.92 22.13 8.31
N LYS A 102 36.71 22.74 7.39
CA LYS A 102 36.39 22.84 5.97
C LYS A 102 36.48 21.50 5.24
N ASN A 103 37.11 20.50 5.88
CA ASN A 103 37.24 19.17 5.32
C ASN A 103 36.35 18.15 6.03
N ALA A 104 35.26 18.62 6.65
CA ALA A 104 34.25 17.77 7.24
C ALA A 104 33.46 17.10 6.12
N LYS A 105 33.00 15.86 6.37
CA LYS A 105 32.27 15.13 5.35
C LYS A 105 30.77 15.39 5.47
N LEU A 106 30.08 15.24 4.33
CA LEU A 106 28.65 15.50 4.15
C LEU A 106 28.00 14.32 3.42
N TYR A 107 26.96 13.72 4.03
CA TYR A 107 26.27 12.56 3.50
C TYR A 107 24.77 12.82 3.40
N GLY A 108 24.12 12.20 2.41
CA GLY A 108 22.68 12.32 2.31
C GLY A 108 22.20 11.55 1.10
N PRO A 109 20.88 11.57 0.79
CA PRO A 109 19.86 12.32 1.53
C PRO A 109 19.08 11.54 2.59
N ASP A 110 19.53 10.33 2.93
CA ASP A 110 18.87 9.49 3.91
C ASP A 110 17.44 9.15 3.51
N VAL A 111 17.22 8.83 2.23
CA VAL A 111 15.93 8.41 1.71
C VAL A 111 15.59 6.99 2.15
N GLY A 112 14.28 6.68 2.20
CA GLY A 112 13.76 5.35 2.46
C GLY A 112 14.09 4.36 1.34
N GLN A 113 13.60 3.14 1.47
CA GLN A 113 13.95 2.11 0.51
C GLN A 113 13.37 2.51 -0.84
N PRO A 114 13.99 2.06 -1.95
CA PRO A 114 13.67 2.58 -3.29
C PRO A 114 12.35 2.08 -3.87
N ARG A 115 11.24 2.71 -3.44
CA ARG A 115 9.98 2.69 -4.18
C ARG A 115 10.16 3.66 -5.37
N ARG A 116 9.18 3.75 -6.28
CA ARG A 116 9.33 4.63 -7.43
C ARG A 116 9.43 6.11 -7.00
N LYS A 117 8.49 6.57 -6.16
CA LYS A 117 8.55 7.92 -5.62
C LYS A 117 9.92 8.23 -5.00
N THR A 118 10.45 7.30 -4.20
CA THR A 118 11.69 7.54 -3.49
C THR A 118 12.85 7.59 -4.49
N ALA A 119 12.78 6.70 -5.48
CA ALA A 119 13.83 6.62 -6.49
C ALA A 119 13.83 7.83 -7.44
N LYS A 120 12.72 8.56 -7.54
CA LYS A 120 12.70 9.76 -8.36
C LYS A 120 13.25 10.93 -7.56
N MET A 121 12.94 10.94 -6.25
CA MET A 121 13.47 11.95 -5.34
C MET A 121 14.98 11.79 -5.26
N LEU A 122 15.46 10.56 -5.13
CA LEU A 122 16.89 10.34 -5.09
C LEU A 122 17.61 10.77 -6.37
N LYS A 123 17.05 10.41 -7.52
CA LYS A 123 17.67 10.72 -8.80
C LYS A 123 17.77 12.25 -8.97
N SER A 124 16.68 12.96 -8.67
CA SER A 124 16.67 14.40 -8.82
C SER A 124 17.61 15.07 -7.82
N PHE A 125 17.70 14.51 -6.61
CA PHE A 125 18.63 14.98 -5.60
C PHE A 125 20.07 14.85 -6.07
N LEU A 126 20.43 13.69 -6.64
CA LEU A 126 21.81 13.46 -7.04
C LEU A 126 22.21 14.33 -8.22
N LYS A 127 21.29 14.55 -9.17
CA LYS A 127 21.57 15.49 -10.25
C LYS A 127 21.89 16.90 -9.70
N ALA A 128 21.06 17.37 -8.77
CA ALA A 128 21.14 18.73 -8.23
C ALA A 128 22.33 18.85 -7.27
N GLY A 129 22.41 17.96 -6.27
CA GLY A 129 23.30 18.16 -5.13
C GLY A 129 24.38 17.10 -5.00
N GLY A 130 24.43 16.17 -5.95
CA GLY A 130 25.33 15.03 -5.85
C GLY A 130 26.81 15.41 -5.85
N GLU A 131 27.17 16.61 -6.33
CA GLU A 131 28.58 16.98 -6.37
C GLU A 131 29.14 17.20 -4.97
N VAL A 132 28.28 17.56 -4.01
CA VAL A 132 28.80 17.97 -2.71
C VAL A 132 28.68 16.87 -1.66
N ILE A 133 28.06 15.72 -1.95
CA ILE A 133 28.00 14.71 -0.92
C ILE A 133 29.16 13.75 -1.07
N ASP A 134 29.66 13.22 0.04
CA ASP A 134 30.76 12.26 0.03
C ASP A 134 30.28 10.82 -0.18
N SER A 135 29.05 10.51 0.28
CA SER A 135 28.40 9.23 0.06
C SER A 135 26.90 9.43 -0.02
N VAL A 136 26.24 8.50 -0.71
CA VAL A 136 24.79 8.46 -0.82
C VAL A 136 24.25 7.55 0.27
N THR A 137 23.38 8.08 1.12
CA THR A 137 22.76 7.34 2.22
C THR A 137 21.30 7.02 1.91
N TRP A 138 20.92 5.76 2.16
CA TRP A 138 19.54 5.33 2.08
C TRP A 138 19.27 4.35 3.21
N HIS A 139 17.98 4.06 3.42
CA HIS A 139 17.53 3.31 4.58
C HIS A 139 16.80 2.08 4.08
N HIS A 140 16.90 0.98 4.83
CA HIS A 140 16.19 -0.23 4.47
C HIS A 140 15.68 -0.96 5.70
N TYR A 141 14.47 -1.47 5.58
CA TYR A 141 13.86 -2.37 6.54
C TYR A 141 13.16 -3.43 5.72
N TYR A 142 13.15 -4.67 6.21
CA TYR A 142 12.51 -5.76 5.50
C TYR A 142 11.00 -5.68 5.69
N LEU A 143 10.55 -5.47 6.94
CA LEU A 143 9.15 -5.64 7.30
C LEU A 143 8.59 -4.45 8.04
N ASN A 144 7.29 -4.53 8.36
CA ASN A 144 6.59 -3.67 9.31
C ASN A 144 6.65 -4.32 10.69
N GLY A 145 7.18 -3.60 11.69
CA GLY A 145 7.35 -4.13 13.03
C GLY A 145 6.05 -4.68 13.61
N ARG A 146 4.93 -3.99 13.34
CA ARG A 146 3.62 -4.30 13.90
C ARG A 146 3.13 -5.69 13.51
N THR A 147 3.51 -6.18 12.31
CA THR A 147 2.90 -7.37 11.71
C THR A 147 3.87 -8.53 11.53
N ALA A 148 5.17 -8.27 11.65
CA ALA A 148 6.18 -9.29 11.34
C ALA A 148 5.93 -10.57 12.12
N THR A 149 6.18 -11.71 11.44
CA THR A 149 6.10 -13.04 12.03
C THR A 149 7.49 -13.67 12.10
N ARG A 150 7.54 -14.67 12.96
CA ARG A 150 8.71 -15.50 13.11
C ARG A 150 9.14 -16.07 11.76
N GLU A 151 8.20 -16.60 10.98
CA GLU A 151 8.56 -17.24 9.72
C GLU A 151 9.13 -16.21 8.73
N ASP A 152 8.69 -14.95 8.84
CA ASP A 152 9.17 -13.86 7.98
C ASP A 152 10.68 -13.67 8.18
N PHE A 153 11.11 -13.73 9.45
CA PHE A 153 12.50 -13.49 9.85
C PHE A 153 13.41 -14.60 9.34
N LEU A 154 12.82 -15.76 8.96
CA LEU A 154 13.51 -16.97 8.50
C LEU A 154 13.27 -17.32 7.03
N ASN A 155 12.57 -16.46 6.28
CA ASN A 155 12.16 -16.78 4.92
C ASN A 155 13.13 -16.22 3.89
N PRO A 156 13.81 -17.08 3.10
CA PRO A 156 14.75 -16.57 2.10
C PRO A 156 14.12 -15.63 1.06
N ASP A 157 12.81 -15.76 0.79
CA ASP A 157 12.15 -14.89 -0.17
C ASP A 157 12.04 -13.48 0.39
N VAL A 158 11.99 -13.37 1.72
CA VAL A 158 12.02 -12.08 2.39
C VAL A 158 13.46 -11.56 2.35
N LEU A 159 14.41 -12.39 2.72
CA LEU A 159 15.80 -11.93 2.74
C LEU A 159 16.21 -11.38 1.37
N ASP A 160 15.75 -12.06 0.30
CA ASP A 160 16.16 -11.82 -1.09
C ASP A 160 15.67 -10.48 -1.65
N ILE A 161 14.61 -9.89 -1.07
CA ILE A 161 14.10 -8.63 -1.58
C ILE A 161 15.13 -7.51 -1.35
N PHE A 162 16.04 -7.68 -0.39
CA PHE A 162 17.07 -6.67 -0.16
C PHE A 162 17.86 -6.47 -1.46
N ILE A 163 18.15 -7.59 -2.12
CA ILE A 163 18.97 -7.60 -3.32
C ILE A 163 18.44 -6.55 -4.31
N SER A 164 17.14 -6.63 -4.66
CA SER A 164 16.61 -5.75 -5.70
C SER A 164 16.58 -4.30 -5.18
N SER A 165 16.40 -4.08 -3.87
CA SER A 165 16.50 -2.74 -3.31
C SER A 165 17.89 -2.18 -3.57
N VAL A 166 18.94 -2.98 -3.35
CA VAL A 166 20.31 -2.52 -3.52
C VAL A 166 20.56 -2.23 -5.00
N GLN A 167 20.15 -3.18 -5.87
CA GLN A 167 20.35 -3.04 -7.29
C GLN A 167 19.71 -1.75 -7.78
N LYS A 168 18.52 -1.42 -7.27
CA LYS A 168 17.76 -0.27 -7.73
C LYS A 168 18.44 1.03 -7.33
N VAL A 169 19.09 1.02 -6.17
CA VAL A 169 19.78 2.20 -5.67
C VAL A 169 20.97 2.46 -6.58
N PHE A 170 21.72 1.39 -6.90
CA PHE A 170 22.88 1.54 -7.78
C PHE A 170 22.43 1.99 -9.17
N GLN A 171 21.25 1.55 -9.63
CA GLN A 171 20.81 1.92 -10.97
C GLN A 171 20.59 3.42 -11.06
N VAL A 172 20.05 4.00 -9.98
CA VAL A 172 19.87 5.44 -9.90
C VAL A 172 21.23 6.15 -9.81
N VAL A 173 22.11 5.69 -8.90
CA VAL A 173 23.38 6.34 -8.69
C VAL A 173 24.23 6.24 -9.96
N GLU A 174 24.26 5.09 -10.67
CA GLU A 174 25.12 4.95 -11.85
C GLU A 174 24.62 5.74 -13.06
N SER A 175 23.35 6.19 -13.02
CA SER A 175 22.76 7.05 -14.04
C SER A 175 23.01 8.54 -13.74
N THR A 176 23.54 8.89 -12.54
CA THR A 176 23.67 10.28 -12.10
C THR A 176 25.10 10.66 -11.65
N ARG A 177 25.69 9.83 -10.78
CA ARG A 177 26.99 10.10 -10.16
C ARG A 177 27.81 8.81 -10.11
N PRO A 178 28.14 8.21 -11.28
CA PRO A 178 28.76 6.89 -11.29
C PRO A 178 29.97 6.88 -10.38
N GLY A 179 30.10 5.83 -9.56
CA GLY A 179 31.27 5.66 -8.71
C GLY A 179 31.15 6.34 -7.34
N LYS A 180 30.03 7.02 -7.11
CA LYS A 180 29.80 7.58 -5.79
C LYS A 180 29.55 6.41 -4.85
N LYS A 181 30.09 6.54 -3.64
CA LYS A 181 30.00 5.47 -2.67
C LYS A 181 28.59 5.44 -2.12
N VAL A 182 28.10 4.24 -1.80
CA VAL A 182 26.74 4.08 -1.35
C VAL A 182 26.74 3.40 0.03
N TRP A 183 26.00 4.02 0.96
CA TRP A 183 25.96 3.66 2.37
C TRP A 183 24.53 3.39 2.79
N LEU A 184 24.32 2.35 3.61
CA LEU A 184 23.07 2.21 4.35
C LEU A 184 23.13 3.09 5.60
N GLY A 185 22.38 4.20 5.58
CA GLY A 185 22.46 5.22 6.62
C GLY A 185 21.57 4.94 7.83
N GLU A 186 20.64 3.99 7.71
CA GLU A 186 19.73 3.59 8.78
C GLU A 186 19.04 2.30 8.36
N THR A 187 19.18 1.22 9.11
CA THR A 187 18.69 -0.04 8.60
C THR A 187 18.49 -1.03 9.72
N SER A 188 17.46 -1.87 9.57
CA SER A 188 17.19 -2.95 10.52
C SER A 188 16.20 -3.96 9.95
N SER A 189 15.66 -4.82 10.83
CA SER A 189 14.72 -5.86 10.45
C SER A 189 13.36 -5.26 10.03
N ALA A 190 12.74 -4.52 10.96
CA ALA A 190 11.35 -4.09 10.85
C ALA A 190 11.20 -2.64 11.29
N TYR A 191 10.45 -1.83 10.53
CA TYR A 191 10.36 -0.39 10.79
C TYR A 191 9.34 -0.17 11.89
N GLY A 192 9.25 1.07 12.38
CA GLY A 192 8.28 1.37 13.42
C GLY A 192 8.70 0.70 14.72
N GLY A 193 10.00 0.78 14.99
CA GLY A 193 10.48 0.47 16.32
C GLY A 193 10.75 -1.01 16.51
N GLY A 194 10.70 -1.80 15.44
CA GLY A 194 11.09 -3.18 15.56
C GLY A 194 9.85 -4.04 15.77
N ALA A 195 10.03 -5.37 15.69
CA ALA A 195 9.02 -6.35 15.97
C ALA A 195 9.31 -6.98 17.32
N PRO A 196 8.38 -6.94 18.28
CA PRO A 196 8.68 -7.44 19.62
C PRO A 196 8.92 -8.94 19.67
N LEU A 197 9.91 -9.32 20.51
CA LEU A 197 10.34 -10.69 20.69
C LEU A 197 10.94 -11.28 19.42
N LEU A 198 11.13 -10.46 18.36
CA LEU A 198 11.77 -10.94 17.15
C LEU A 198 12.99 -10.10 16.78
N SER A 199 12.88 -8.77 16.77
CA SER A 199 13.97 -7.91 16.33
C SER A 199 15.08 -7.84 17.38
N ASP A 200 14.78 -8.30 18.59
CA ASP A 200 15.66 -8.27 19.74
C ASP A 200 16.20 -9.65 20.10
N THR A 201 16.13 -10.64 19.19
CA THR A 201 16.40 -12.02 19.58
C THR A 201 17.46 -12.62 18.66
N PHE A 202 17.83 -13.88 18.96
CA PHE A 202 18.67 -14.65 18.08
C PHE A 202 18.12 -14.62 16.64
N ALA A 203 16.81 -14.73 16.47
CA ALA A 203 16.22 -14.84 15.14
C ALA A 203 16.50 -13.62 14.28
N ALA A 204 16.73 -12.45 14.90
CA ALA A 204 17.01 -11.23 14.17
C ALA A 204 18.34 -11.34 13.43
N GLY A 205 19.20 -12.24 13.89
CA GLY A 205 20.55 -12.37 13.37
C GLY A 205 20.62 -12.85 11.91
N PHE A 206 19.62 -13.61 11.44
CA PHE A 206 19.65 -14.11 10.08
C PHE A 206 19.57 -12.90 9.15
N MET A 207 18.60 -12.02 9.39
CA MET A 207 18.48 -10.79 8.62
C MET A 207 19.74 -9.95 8.76
N TRP A 208 20.25 -9.80 9.98
CA TRP A 208 21.39 -8.89 10.18
C TRP A 208 22.67 -9.40 9.49
N LEU A 209 23.02 -10.67 9.69
CA LEU A 209 24.21 -11.25 9.07
C LEU A 209 24.05 -11.29 7.54
N ASP A 210 22.86 -11.65 7.06
CA ASP A 210 22.64 -11.70 5.62
C ASP A 210 22.83 -10.31 5.02
N LYS A 211 22.28 -9.29 5.69
CA LYS A 211 22.39 -7.93 5.20
C LYS A 211 23.86 -7.52 5.05
N LEU A 212 24.63 -7.75 6.10
CA LEU A 212 26.06 -7.45 6.08
C LEU A 212 26.74 -8.13 4.90
N GLY A 213 26.45 -9.42 4.70
CA GLY A 213 27.07 -10.20 3.64
C GLY A 213 26.75 -9.65 2.26
N LEU A 214 25.45 -9.48 2.02
CA LEU A 214 24.96 -8.97 0.74
C LEU A 214 25.49 -7.56 0.48
N SER A 215 25.42 -6.69 1.50
CA SER A 215 25.86 -5.32 1.37
C SER A 215 27.29 -5.28 0.82
N ALA A 216 28.17 -6.04 1.50
CA ALA A 216 29.57 -6.02 1.15
C ALA A 216 29.77 -6.58 -0.25
N ARG A 217 29.07 -7.68 -0.56
CA ARG A 217 29.20 -8.38 -1.83
C ARG A 217 28.71 -7.52 -3.01
N MET A 218 27.75 -6.62 -2.76
CA MET A 218 27.09 -5.87 -3.83
C MET A 218 27.64 -4.46 -3.99
N GLY A 219 28.49 -3.99 -3.05
CA GLY A 219 29.25 -2.76 -3.23
C GLY A 219 28.94 -1.68 -2.18
N ILE A 220 28.03 -1.96 -1.23
CA ILE A 220 27.76 -1.01 -0.16
C ILE A 220 29.00 -0.96 0.74
N GLU A 221 29.35 0.25 1.21
CA GLU A 221 30.63 0.48 1.87
C GLU A 221 30.49 0.54 3.40
N VAL A 222 29.33 1.04 3.86
CA VAL A 222 29.04 1.23 5.26
C VAL A 222 27.56 0.89 5.51
N VAL A 223 27.31 0.16 6.61
CA VAL A 223 25.97 -0.23 7.05
C VAL A 223 25.76 0.22 8.50
N MET A 224 24.72 1.02 8.75
CA MET A 224 24.48 1.62 10.05
C MET A 224 23.25 1.01 10.71
N ARG A 225 23.47 0.17 11.73
CA ARG A 225 22.38 -0.52 12.39
C ARG A 225 21.53 0.44 13.23
N GLN A 226 20.23 0.46 12.94
CA GLN A 226 19.22 1.10 13.79
C GLN A 226 18.66 0.06 14.75
N VAL A 227 18.87 0.20 16.07
CA VAL A 227 19.66 1.24 16.71
C VAL A 227 20.76 0.51 17.49
N PHE A 228 21.71 1.25 18.09
CA PHE A 228 22.63 0.72 19.08
C PHE A 228 21.90 0.58 20.42
N PHE A 229 21.34 1.69 20.89
CA PHE A 229 20.53 1.75 22.10
C PHE A 229 19.29 2.62 21.82
N GLY A 230 18.16 2.29 22.43
CA GLY A 230 16.95 3.05 22.15
C GLY A 230 15.71 2.38 22.69
N ALA A 231 14.54 2.85 22.25
CA ALA A 231 13.25 2.32 22.69
C ALA A 231 12.80 1.20 21.75
N GLY A 232 13.21 1.27 20.49
CA GLY A 232 12.86 0.25 19.52
C GLY A 232 13.45 -1.12 19.88
N ASN A 233 12.76 -2.22 19.52
CA ASN A 233 13.15 -3.58 19.80
C ASN A 233 14.29 -4.04 18.89
N TYR A 234 14.62 -3.21 17.91
CA TYR A 234 15.74 -3.47 17.02
C TYR A 234 17.06 -2.91 17.56
N HIS A 235 17.14 -2.69 18.89
CA HIS A 235 18.34 -2.25 19.57
C HIS A 235 19.31 -3.41 19.72
N LEU A 236 20.61 -3.11 19.73
CA LEU A 236 21.65 -4.10 19.98
C LEU A 236 21.84 -4.31 21.49
N VAL A 237 21.52 -3.26 22.25
CA VAL A 237 21.71 -3.22 23.69
C VAL A 237 20.39 -2.76 24.29
N ASP A 238 19.91 -3.50 25.30
CA ASP A 238 18.58 -3.30 25.84
C ASP A 238 18.60 -2.16 26.87
N GLU A 239 17.43 -1.94 27.49
CA GLU A 239 17.20 -0.86 28.44
C GLU A 239 18.08 -0.93 29.70
N ASN A 240 18.53 -2.14 30.07
CA ASN A 240 19.35 -2.35 31.25
C ASN A 240 20.83 -2.39 30.89
N PHE A 241 21.16 -1.88 29.70
CA PHE A 241 22.50 -1.89 29.11
C PHE A 241 23.05 -3.31 28.97
N ASP A 242 22.16 -4.32 28.85
CA ASP A 242 22.55 -5.71 28.60
C ASP A 242 22.54 -6.00 27.09
N PRO A 243 23.66 -6.53 26.54
CA PRO A 243 23.71 -6.86 25.10
C PRO A 243 22.79 -8.00 24.71
N LEU A 244 22.30 -7.89 23.47
CA LEU A 244 21.39 -8.86 22.88
C LEU A 244 22.13 -9.67 21.82
N PRO A 245 21.59 -10.80 21.33
CA PRO A 245 22.34 -11.63 20.40
C PRO A 245 22.96 -10.90 19.21
N ASP A 246 22.28 -9.88 18.65
CA ASP A 246 22.83 -9.15 17.52
C ASP A 246 24.09 -8.39 17.91
N TYR A 247 24.20 -7.94 19.16
CA TYR A 247 25.42 -7.29 19.59
C TYR A 247 26.58 -8.29 19.48
N TRP A 248 26.38 -9.49 20.03
CA TRP A 248 27.44 -10.48 20.06
C TRP A 248 27.83 -10.87 18.62
N LEU A 249 26.82 -11.02 17.76
CA LEU A 249 27.06 -11.31 16.34
C LEU A 249 27.90 -10.22 15.71
N SER A 250 27.56 -8.96 16.00
CA SER A 250 28.30 -7.82 15.47
C SER A 250 29.77 -7.80 15.97
N LEU A 251 29.97 -8.07 17.27
CA LEU A 251 31.31 -8.12 17.85
C LEU A 251 32.16 -9.20 17.17
N LEU A 252 31.60 -10.40 17.00
CA LEU A 252 32.29 -11.50 16.33
C LEU A 252 32.65 -11.13 14.90
N PHE A 253 31.71 -10.49 14.19
CA PHE A 253 31.92 -10.05 12.81
C PHE A 253 33.15 -9.15 12.76
N LYS A 254 33.18 -8.16 13.65
CA LYS A 254 34.28 -7.22 13.72
C LYS A 254 35.63 -7.90 13.96
N LYS A 255 35.67 -8.86 14.89
CA LYS A 255 36.89 -9.56 15.24
C LYS A 255 37.46 -10.34 14.04
N LEU A 256 36.57 -10.97 13.25
CA LEU A 256 36.96 -11.99 12.29
C LEU A 256 37.02 -11.51 10.84
N VAL A 257 36.08 -10.62 10.44
CA VAL A 257 35.83 -10.37 9.04
C VAL A 257 36.65 -9.16 8.60
N GLY A 258 37.40 -9.32 7.48
CA GLY A 258 38.28 -8.29 6.95
C GLY A 258 37.58 -7.44 5.90
N THR A 259 38.30 -6.47 5.34
CA THR A 259 37.73 -5.44 4.49
C THR A 259 37.67 -5.89 3.01
N LYS A 260 38.50 -6.87 2.63
CA LYS A 260 38.51 -7.36 1.26
C LYS A 260 37.43 -8.43 1.10
N VAL A 261 36.46 -8.14 0.23
CA VAL A 261 35.30 -9.00 0.05
C VAL A 261 35.55 -9.93 -1.13
N LEU A 262 35.29 -11.23 -0.94
CA LEU A 262 35.40 -12.26 -1.97
C LEU A 262 34.03 -12.90 -2.20
N MET A 263 33.94 -14.12 -2.76
CA MET A 263 32.67 -14.76 -3.05
C MET A 263 32.72 -16.23 -2.66
N ALA A 264 31.62 -16.73 -2.06
CA ALA A 264 31.35 -18.14 -1.85
C ALA A 264 29.97 -18.46 -2.43
N SER A 265 29.79 -19.69 -2.94
CA SER A 265 28.50 -20.10 -3.46
C SER A 265 28.30 -21.61 -3.33
N VAL A 266 27.07 -22.02 -2.95
CA VAL A 266 26.64 -23.41 -3.00
C VAL A 266 26.37 -23.79 -4.46
N GLN A 267 26.51 -25.08 -4.77
CA GLN A 267 26.33 -25.56 -6.12
C GLN A 267 24.85 -25.75 -6.46
N GLY A 268 24.02 -26.18 -5.50
CA GLY A 268 22.58 -26.27 -5.69
C GLY A 268 22.00 -25.04 -6.37
N ARG A 272 19.57 -21.23 -1.68
CA ARG A 272 18.56 -20.18 -1.36
C ARG A 272 18.40 -20.14 0.16
N LYS A 273 18.31 -21.32 0.79
CA LYS A 273 18.12 -21.41 2.24
C LYS A 273 19.45 -21.64 2.96
N LEU A 274 20.52 -21.91 2.20
CA LEU A 274 21.89 -21.92 2.69
C LEU A 274 22.63 -20.73 2.06
N ARG A 275 23.08 -19.79 2.91
CA ARG A 275 23.64 -18.53 2.45
C ARG A 275 25.10 -18.45 2.89
N VAL A 276 25.99 -18.01 1.99
CA VAL A 276 27.42 -18.15 2.20
C VAL A 276 28.18 -16.92 1.68
N TYR A 277 29.08 -16.39 2.53
CA TYR A 277 29.88 -15.19 2.27
C TYR A 277 31.33 -15.43 2.64
N LEU A 278 32.24 -14.76 1.92
CA LEU A 278 33.67 -15.01 2.06
C LEU A 278 34.42 -13.69 1.96
N HIS A 279 35.29 -13.41 2.94
CA HIS A 279 36.20 -12.26 2.95
C HIS A 279 37.58 -12.76 3.39
N CYS A 280 38.59 -11.94 3.17
CA CYS A 280 39.85 -12.12 3.87
C CYS A 280 39.60 -11.98 5.36
N THR A 281 40.33 -12.76 6.17
CA THR A 281 40.31 -12.61 7.61
C THR A 281 40.86 -11.25 8.01
N ASN A 282 40.27 -10.66 9.04
CA ASN A 282 40.83 -9.51 9.74
C ASN A 282 42.27 -9.82 10.20
N THR A 283 43.34 -9.22 9.62
CA THR A 283 44.71 -9.60 9.99
C THR A 283 45.14 -9.01 11.35
N ASP A 284 44.39 -8.01 11.85
CA ASP A 284 44.58 -7.32 13.14
C ASP A 284 44.30 -8.24 14.33
N ASN A 285 43.66 -9.37 14.06
CA ASN A 285 43.50 -10.45 15.01
C ASN A 285 44.85 -11.16 15.17
N PRO A 286 45.47 -11.17 16.38
CA PRO A 286 46.84 -11.66 16.53
C PRO A 286 46.95 -13.16 16.26
N ARG A 287 45.83 -13.88 16.42
CA ARG A 287 45.80 -15.32 16.19
C ARG A 287 46.00 -15.71 14.72
N TYR A 288 45.71 -14.79 13.78
CA TYR A 288 45.68 -15.13 12.36
C TYR A 288 46.62 -14.24 11.53
N LYS A 289 46.87 -14.66 10.29
CA LYS A 289 47.95 -14.09 9.52
C LYS A 289 47.47 -13.75 8.11
N GLU A 290 48.28 -12.95 7.41
CA GLU A 290 48.04 -12.58 6.03
C GLU A 290 47.83 -13.84 5.18
N GLY A 291 46.76 -13.80 4.37
CA GLY A 291 46.40 -14.91 3.51
C GLY A 291 45.25 -15.79 4.05
N ASP A 292 44.88 -15.66 5.33
CA ASP A 292 43.77 -16.44 5.88
C ASP A 292 42.42 -15.90 5.39
N LEU A 293 41.42 -16.80 5.33
CA LEU A 293 40.06 -16.50 4.86
C LEU A 293 39.06 -16.57 6.02
N THR A 294 38.02 -15.70 5.99
CA THR A 294 36.89 -15.89 6.88
C THR A 294 35.63 -16.18 6.04
N LEU A 295 35.10 -17.39 6.18
CA LEU A 295 33.81 -17.77 5.64
C LEU A 295 32.73 -17.57 6.70
N TYR A 296 31.56 -17.05 6.30
CA TYR A 296 30.42 -17.08 7.20
C TYR A 296 29.22 -17.64 6.45
N ALA A 297 28.34 -18.33 7.20
CA ALA A 297 27.25 -19.09 6.62
C ALA A 297 26.02 -19.09 7.52
N ILE A 298 24.86 -19.16 6.85
CA ILE A 298 23.56 -19.17 7.45
C ILE A 298 22.81 -20.40 6.94
N ASN A 299 22.25 -21.17 7.87
CA ASN A 299 21.47 -22.36 7.54
C ASN A 299 20.02 -22.13 7.93
N LEU A 300 19.16 -21.94 6.92
CA LEU A 300 17.73 -21.80 7.12
C LEU A 300 16.99 -23.10 6.86
N HIS A 301 17.73 -24.21 6.63
CA HIS A 301 17.14 -25.55 6.55
C HIS A 301 16.78 -26.03 7.96
N ASN A 302 15.84 -26.99 8.01
CA ASN A 302 15.30 -27.48 9.26
C ASN A 302 16.11 -28.69 9.74
N VAL A 303 17.24 -28.99 9.07
CA VAL A 303 18.17 -30.04 9.47
C VAL A 303 19.60 -29.48 9.39
N THR A 304 20.55 -30.12 10.10
CA THR A 304 21.96 -29.80 10.02
C THR A 304 22.48 -30.02 8.59
N LYS A 305 23.36 -29.11 8.12
CA LYS A 305 24.07 -29.27 6.85
C LYS A 305 25.58 -29.28 7.08
N TYR A 306 26.30 -30.00 6.20
CA TYR A 306 27.73 -30.24 6.33
C TYR A 306 28.41 -29.65 5.08
N LEU A 307 29.31 -28.67 5.28
CA LEU A 307 29.95 -27.95 4.18
C LEU A 307 31.32 -28.51 3.91
N ARG A 308 31.64 -28.76 2.63
CA ARG A 308 32.97 -29.18 2.21
C ARG A 308 33.65 -28.08 1.38
N LEU A 309 34.88 -27.72 1.79
CA LEU A 309 35.65 -26.66 1.16
C LEU A 309 36.33 -27.15 -0.12
N PRO A 310 36.48 -26.29 -1.14
CA PRO A 310 37.08 -26.71 -2.39
C PRO A 310 38.60 -26.76 -2.31
N TYR A 311 39.21 -27.52 -3.22
CA TYR A 311 40.65 -27.50 -3.46
C TYR A 311 41.04 -26.05 -3.73
N PRO A 312 42.21 -25.51 -3.27
CA PRO A 312 43.16 -26.19 -2.35
C PRO A 312 43.02 -26.10 -0.83
N PHE A 313 41.80 -25.84 -0.35
CA PHE A 313 41.54 -25.54 1.06
C PHE A 313 40.89 -26.72 1.79
N SER A 314 40.81 -27.88 1.13
CA SER A 314 40.02 -29.00 1.66
C SER A 314 40.54 -29.49 3.02
N ASN A 315 41.86 -29.36 3.22
CA ASN A 315 42.57 -30.00 4.32
C ASN A 315 43.28 -28.97 5.19
N LYS A 316 42.76 -27.75 5.26
CA LYS A 316 43.35 -26.72 6.09
C LYS A 316 42.76 -26.81 7.49
N GLN A 317 43.56 -26.34 8.46
CA GLN A 317 43.10 -26.15 9.82
C GLN A 317 42.08 -25.02 9.82
N VAL A 318 40.89 -25.28 10.38
CA VAL A 318 39.75 -24.36 10.40
C VAL A 318 39.33 -24.10 11.85
N ASP A 319 39.12 -22.81 12.21
CA ASP A 319 38.54 -22.43 13.50
C ASP A 319 37.06 -22.10 13.31
N LYS A 320 36.21 -22.84 14.04
CA LYS A 320 34.76 -22.65 14.03
C LYS A 320 34.35 -21.64 15.09
N TYR A 321 33.42 -20.75 14.70
CA TYR A 321 32.75 -19.84 15.62
C TYR A 321 31.24 -19.90 15.41
N LEU A 322 30.62 -20.88 16.06
CA LEU A 322 29.22 -21.23 15.85
C LEU A 322 28.34 -20.62 16.95
N LEU A 323 27.35 -19.82 16.51
CA LEU A 323 26.41 -19.17 17.40
C LEU A 323 25.11 -19.95 17.40
N ARG A 324 24.61 -20.26 18.62
CA ARG A 324 23.33 -20.90 18.80
C ARG A 324 22.64 -20.30 20.02
N PRO A 325 21.30 -20.29 20.05
CA PRO A 325 20.61 -19.61 21.14
C PRO A 325 20.81 -20.45 22.39
N LEU A 326 20.88 -19.78 23.55
CA LEU A 326 20.67 -20.45 24.82
C LEU A 326 19.18 -20.71 25.00
N GLY A 327 18.85 -21.97 25.35
CA GLY A 327 17.46 -22.38 25.50
C GLY A 327 16.87 -21.75 26.76
N PRO A 328 15.55 -21.89 27.00
CA PRO A 328 14.70 -22.80 26.22
C PRO A 328 14.03 -22.15 25.01
N HIS A 329 14.24 -20.84 24.80
CA HIS A 329 13.39 -20.02 23.93
C HIS A 329 13.82 -20.07 22.45
N GLY A 330 14.81 -20.91 22.15
CA GLY A 330 15.17 -21.19 20.78
C GLY A 330 15.47 -19.89 20.08
N LEU A 331 14.87 -19.72 18.90
CA LEU A 331 15.24 -18.58 18.07
C LEU A 331 14.70 -17.28 18.68
N LEU A 332 13.78 -17.36 19.65
CA LEU A 332 13.27 -16.17 20.32
C LEU A 332 14.02 -15.91 21.63
N SER A 333 15.20 -16.53 21.78
CA SER A 333 16.06 -16.25 22.92
C SER A 333 16.79 -14.91 22.76
N LYS A 334 17.02 -14.30 23.92
CA LYS A 334 17.80 -13.08 24.00
C LYS A 334 19.21 -13.40 24.52
N SER A 335 19.49 -14.70 24.69
CA SER A 335 20.81 -15.18 25.08
C SER A 335 21.37 -16.11 23.99
N VAL A 336 22.70 -16.05 23.81
CA VAL A 336 23.40 -16.78 22.75
C VAL A 336 24.67 -17.47 23.29
N GLN A 337 25.00 -18.62 22.69
CA GLN A 337 26.19 -19.38 23.02
C GLN A 337 27.14 -19.42 21.84
N LEU A 338 28.44 -19.28 22.11
CA LEU A 338 29.49 -19.46 21.11
C LEU A 338 30.21 -20.80 21.35
N ASN A 339 30.04 -21.76 20.42
CA ASN A 339 30.62 -23.09 20.55
C ASN A 339 30.22 -23.76 21.88
N GLY A 340 28.97 -23.54 22.33
CA GLY A 340 28.43 -24.13 23.55
C GLY A 340 28.66 -23.32 24.85
N LEU A 341 29.30 -22.15 24.77
CA LEU A 341 29.62 -21.31 25.92
C LEU A 341 28.78 -20.04 25.85
N THR A 342 27.88 -19.82 26.82
CA THR A 342 27.01 -18.64 26.87
C THR A 342 27.84 -17.36 26.87
N LEU A 343 27.49 -16.36 26.05
CA LEU A 343 28.22 -15.12 25.99
C LEU A 343 27.64 -14.13 26.97
N LYS A 344 28.48 -13.65 27.88
CA LYS A 344 28.06 -12.69 28.88
C LYS A 344 29.25 -11.80 29.20
N MET A 345 29.02 -10.48 29.32
CA MET A 345 30.09 -9.55 29.72
C MET A 345 30.64 -9.99 31.07
N VAL A 346 31.96 -9.92 31.24
CA VAL A 346 32.62 -10.36 32.46
C VAL A 346 32.23 -9.45 33.63
N ASP A 347 32.22 -8.14 33.37
CA ASP A 347 31.71 -7.14 34.29
C ASP A 347 31.35 -5.91 33.45
N ASP A 348 31.06 -4.78 34.11
CA ASP A 348 30.52 -3.59 33.44
C ASP A 348 31.58 -2.97 32.50
N GLN A 349 32.85 -3.35 32.65
CA GLN A 349 33.93 -2.75 31.88
C GLN A 349 34.67 -3.77 31.01
N THR A 350 34.17 -5.01 30.93
CA THR A 350 35.00 -6.08 30.39
C THR A 350 34.19 -7.02 29.51
N LEU A 351 34.54 -7.07 28.23
CA LEU A 351 33.98 -8.05 27.30
C LEU A 351 34.67 -9.39 27.46
N PRO A 352 33.97 -10.53 27.25
CA PRO A 352 34.62 -11.83 27.29
C PRO A 352 35.50 -12.04 26.07
N PRO A 353 36.45 -12.97 26.13
CA PRO A 353 37.17 -13.38 24.94
C PRO A 353 36.17 -14.17 24.13
N LEU A 354 36.43 -14.29 22.82
CA LEU A 354 35.55 -15.05 21.94
C LEU A 354 36.31 -16.28 21.45
N MET A 355 35.95 -17.43 22.02
CA MET A 355 36.81 -18.59 21.94
C MET A 355 36.39 -19.49 20.77
N GLU A 356 37.36 -19.70 19.87
CA GLU A 356 37.25 -20.59 18.73
C GLU A 356 37.11 -22.05 19.17
N LYS A 357 36.67 -22.89 18.24
CA LYS A 357 36.77 -24.33 18.38
C LYS A 357 37.55 -24.81 17.17
N PRO A 358 38.84 -25.17 17.32
CA PRO A 358 39.60 -25.71 16.20
C PRO A 358 39.00 -27.03 15.74
N LEU A 359 38.84 -27.23 14.42
CA LEU A 359 38.28 -28.47 13.92
C LEU A 359 39.41 -29.37 13.45
N ARG A 360 39.12 -30.66 13.29
CA ARG A 360 40.02 -31.57 12.59
C ARG A 360 40.29 -31.08 11.17
N PRO A 361 41.57 -30.99 10.76
CA PRO A 361 41.90 -30.83 9.34
C PRO A 361 41.24 -31.92 8.49
N GLY A 362 40.56 -31.52 7.41
CA GLY A 362 39.94 -32.49 6.51
C GLY A 362 38.51 -32.90 6.88
N SER A 363 37.96 -32.39 7.99
CA SER A 363 36.58 -32.65 8.36
C SER A 363 35.66 -31.65 7.66
N SER A 364 34.42 -32.09 7.37
CA SER A 364 33.35 -31.24 6.87
C SER A 364 32.87 -30.29 7.97
N LEU A 365 32.33 -29.13 7.55
CA LEU A 365 31.95 -28.03 8.44
C LEU A 365 30.46 -28.20 8.80
N GLY A 366 30.16 -28.61 10.04
CA GLY A 366 28.78 -28.79 10.47
C GLY A 366 28.07 -27.46 10.75
N LEU A 367 26.86 -27.27 10.21
CA LEU A 367 26.05 -26.07 10.45
C LEU A 367 24.64 -26.55 10.84
N PRO A 368 24.32 -26.55 12.15
CA PRO A 368 23.00 -27.02 12.55
C PRO A 368 21.80 -26.30 11.91
N ALA A 369 20.62 -26.92 11.97
CA ALA A 369 19.39 -26.24 11.59
C ALA A 369 19.29 -24.85 12.21
N PHE A 370 18.82 -23.88 11.43
CA PHE A 370 18.53 -22.53 11.92
C PHE A 370 19.70 -22.01 12.78
N SER A 371 20.87 -21.90 12.19
CA SER A 371 22.04 -21.36 12.89
C SER A 371 22.89 -20.58 11.92
N TYR A 372 23.95 -19.95 12.44
CA TYR A 372 24.93 -19.24 11.64
C TYR A 372 26.29 -19.42 12.32
N SER A 373 27.35 -19.35 11.51
CA SER A 373 28.71 -19.58 12.01
C SER A 373 29.70 -18.84 11.14
N PHE A 374 30.84 -18.50 11.76
CA PHE A 374 32.02 -18.09 11.02
C PHE A 374 33.02 -19.24 11.07
N PHE A 375 33.81 -19.33 10.02
CA PHE A 375 34.89 -20.29 9.94
C PHE A 375 36.15 -19.63 9.40
N VAL A 376 37.23 -19.59 10.20
CA VAL A 376 38.53 -19.08 9.77
C VAL A 376 39.40 -20.24 9.26
N ILE A 377 39.77 -20.13 7.96
CA ILE A 377 40.65 -21.05 7.25
C ILE A 377 42.11 -20.59 7.44
N ARG A 378 42.83 -21.27 8.36
CA ARG A 378 44.19 -20.91 8.72
C ARG A 378 45.16 -21.43 7.66
N ASN A 379 46.24 -20.66 7.46
CA ASN A 379 47.25 -21.03 6.49
C ASN A 379 46.64 -21.17 5.10
N ALA A 380 45.62 -20.37 4.78
CA ALA A 380 45.03 -20.40 3.44
C ALA A 380 46.03 -19.85 2.41
N LYS A 381 46.89 -18.92 2.84
CA LYS A 381 47.91 -18.27 2.02
C LYS A 381 47.34 -17.81 0.67
N VAL A 382 46.17 -17.14 0.72
CA VAL A 382 45.49 -16.58 -0.45
C VAL A 382 46.13 -15.27 -0.84
N ALA A 383 46.56 -15.16 -2.10
CA ALA A 383 47.36 -14.06 -2.60
C ALA A 383 46.60 -12.75 -2.49
N ALA A 384 45.31 -12.79 -2.83
CA ALA A 384 44.45 -11.60 -2.84
C ALA A 384 44.37 -10.94 -1.46
N CYS A 385 44.61 -11.72 -0.40
CA CYS A 385 44.49 -11.22 0.96
C CYS A 385 45.76 -10.56 1.46
N ILE A 386 46.89 -10.70 0.74
CA ILE A 386 48.18 -10.15 1.19
C ILE A 386 48.42 -8.78 0.48
N GLN B 1 19.96 -34.50 0.34
CA GLN B 1 21.09 -34.96 1.19
C GLN B 1 21.46 -33.85 2.18
N ASP B 2 22.44 -34.19 3.03
CA ASP B 2 23.02 -33.32 4.02
C ASP B 2 24.45 -32.95 3.61
N VAL B 3 24.84 -33.33 2.39
CA VAL B 3 26.20 -33.21 1.86
C VAL B 3 26.26 -31.94 1.02
N VAL B 4 27.15 -30.99 1.34
CA VAL B 4 27.19 -29.72 0.62
C VAL B 4 28.62 -29.38 0.22
N ASP B 5 28.86 -29.30 -1.09
CA ASP B 5 30.15 -28.88 -1.63
C ASP B 5 30.06 -27.37 -1.86
N LEU B 6 31.13 -26.66 -1.54
CA LEU B 6 31.21 -25.24 -1.86
C LEU B 6 32.24 -24.99 -2.96
N ASP B 7 31.95 -23.94 -3.75
CA ASP B 7 32.86 -23.31 -4.71
C ASP B 7 33.21 -21.92 -4.19
N PHE B 8 34.52 -21.57 -4.12
CA PHE B 8 34.97 -20.23 -3.73
C PHE B 8 35.63 -19.49 -4.91
N PHE B 9 35.50 -18.14 -4.90
CA PHE B 9 36.24 -17.24 -5.76
C PHE B 9 37.15 -16.38 -4.90
N THR B 10 38.48 -16.55 -5.01
CA THR B 10 39.48 -15.93 -4.12
C THR B 10 40.60 -15.22 -4.88
N GLN B 11 40.38 -14.91 -6.19
CA GLN B 11 41.41 -14.50 -7.13
C GLN B 11 41.79 -13.02 -7.01
N GLU B 12 40.76 -12.18 -6.87
CA GLU B 12 40.95 -10.76 -6.59
C GLU B 12 39.83 -10.29 -5.65
N PRO B 13 40.01 -9.22 -4.85
CA PRO B 13 38.91 -8.71 -4.05
C PRO B 13 37.84 -8.19 -5.01
N LEU B 14 36.56 -8.50 -4.74
CA LEU B 14 35.44 -8.01 -5.53
C LEU B 14 34.98 -6.62 -5.08
N HIS B 15 35.00 -6.36 -3.76
CA HIS B 15 34.85 -5.02 -3.21
C HIS B 15 35.81 -4.84 -2.05
N LEU B 16 36.04 -3.57 -1.69
CA LEU B 16 36.80 -3.20 -0.52
C LEU B 16 35.95 -2.32 0.38
N VAL B 17 35.54 -2.84 1.54
CA VAL B 17 34.58 -2.13 2.41
C VAL B 17 35.39 -1.29 3.39
N SER B 18 34.75 -0.26 3.95
CA SER B 18 35.35 0.57 4.98
C SER B 18 35.65 -0.28 6.19
N PRO B 19 36.76 -0.01 6.91
CA PRO B 19 36.96 -0.60 8.24
C PRO B 19 35.76 -0.38 9.16
N SER B 20 35.07 0.74 8.96
CA SER B 20 33.86 1.07 9.71
C SER B 20 32.61 0.51 9.01
N PHE B 21 32.76 -0.48 8.11
CA PHE B 21 31.63 -1.03 7.35
C PHE B 21 30.41 -1.16 8.28
N LEU B 22 30.55 -1.95 9.35
CA LEU B 22 29.54 -2.09 10.39
C LEU B 22 29.67 -0.90 11.35
N SER B 23 28.64 -0.03 11.29
CA SER B 23 28.46 1.16 12.11
C SER B 23 27.07 1.07 12.74
N VAL B 24 26.69 2.05 13.58
CA VAL B 24 25.42 2.02 14.32
C VAL B 24 24.76 3.40 14.41
N THR B 25 23.51 3.42 14.94
CA THR B 25 22.76 4.65 15.17
C THR B 25 22.31 4.78 16.62
N ILE B 26 21.98 6.03 16.99
CA ILE B 26 21.15 6.38 18.14
C ILE B 26 19.97 7.17 17.58
N ASP B 27 18.74 6.81 17.97
CA ASP B 27 17.59 7.53 17.44
C ASP B 27 17.57 8.93 18.05
N ALA B 28 17.39 9.93 17.18
CA ALA B 28 17.31 11.33 17.60
C ALA B 28 16.30 11.52 18.73
N ASN B 29 15.26 10.68 18.77
CA ASN B 29 14.22 10.85 19.77
C ASN B 29 14.72 10.63 21.21
N LEU B 30 15.83 9.89 21.36
CA LEU B 30 16.42 9.61 22.68
C LEU B 30 16.85 10.90 23.38
N ALA B 31 17.17 11.94 22.60
CA ALA B 31 17.51 13.24 23.15
C ALA B 31 16.33 13.91 23.89
N THR B 32 15.08 13.44 23.69
CA THR B 32 13.93 13.96 24.44
C THR B 32 13.76 13.25 25.80
N ASP B 33 14.55 12.20 26.06
CA ASP B 33 14.52 11.52 27.34
C ASP B 33 15.19 12.44 28.37
N PRO B 34 14.51 12.72 29.51
CA PRO B 34 15.10 13.54 30.58
C PRO B 34 16.44 13.04 31.10
N ARG B 35 16.71 11.74 30.93
CA ARG B 35 17.89 11.13 31.48
C ARG B 35 19.00 10.98 30.44
N PHE B 36 18.88 11.65 29.29
CA PHE B 36 19.84 11.49 28.20
C PHE B 36 21.28 11.50 28.70
N LEU B 37 21.59 12.45 29.59
CA LEU B 37 22.95 12.64 30.09
C LEU B 37 23.41 11.42 30.89
N ILE B 38 22.55 10.93 31.80
CA ILE B 38 22.84 9.77 32.64
C ILE B 38 23.06 8.50 31.78
N LEU B 39 22.21 8.31 30.76
CA LEU B 39 22.23 7.13 29.91
C LEU B 39 23.55 7.03 29.13
N LEU B 40 23.89 8.06 28.36
CA LEU B 40 25.11 8.05 27.55
C LEU B 40 26.39 8.22 28.38
N GLY B 41 26.25 8.60 29.66
CA GLY B 41 27.38 8.70 30.58
C GLY B 41 27.75 7.35 31.19
N SER B 42 26.92 6.32 30.98
CA SER B 42 27.11 5.01 31.57
C SER B 42 28.46 4.44 31.16
N PRO B 43 29.38 4.14 32.10
CA PRO B 43 30.60 3.42 31.76
C PRO B 43 30.35 2.06 31.11
N LYS B 44 29.29 1.36 31.51
CA LYS B 44 28.91 0.06 30.96
C LYS B 44 28.65 0.20 29.45
N LEU B 45 27.84 1.21 29.13
CA LEU B 45 27.46 1.46 27.74
C LEU B 45 28.70 1.82 26.92
N ARG B 46 29.61 2.61 27.50
CA ARG B 46 30.77 3.04 26.75
C ARG B 46 31.70 1.87 26.45
N THR B 47 31.79 0.89 27.38
CA THR B 47 32.58 -0.33 27.18
C THR B 47 32.04 -1.09 25.96
N LEU B 48 30.71 -1.21 25.88
CA LEU B 48 30.06 -1.91 24.80
C LEU B 48 30.29 -1.13 23.52
N ALA B 49 30.12 0.18 23.57
CA ALA B 49 30.34 1.00 22.38
C ALA B 49 31.76 0.84 21.84
N ARG B 50 32.74 0.93 22.74
CA ARG B 50 34.15 0.83 22.36
C ARG B 50 34.41 -0.46 21.60
N GLY B 51 33.68 -1.52 21.99
CA GLY B 51 33.81 -2.82 21.36
C GLY B 51 33.59 -2.75 19.85
N LEU B 52 32.82 -1.75 19.40
CA LEU B 52 32.40 -1.69 18.01
C LEU B 52 33.24 -0.70 17.23
N SER B 53 34.23 -0.10 17.90
CA SER B 53 35.18 0.75 17.21
C SER B 53 36.05 -0.12 16.31
N PRO B 54 36.46 0.29 15.09
CA PRO B 54 36.06 1.57 14.47
C PRO B 54 34.66 1.56 13.83
N ALA B 55 33.95 2.68 13.96
CA ALA B 55 32.60 2.79 13.46
C ALA B 55 32.14 4.25 13.45
N TYR B 56 31.14 4.53 12.60
CA TYR B 56 30.30 5.72 12.72
C TYR B 56 29.13 5.52 13.70
N LEU B 57 28.79 6.59 14.43
CA LEU B 57 27.58 6.64 15.21
C LEU B 57 26.67 7.72 14.63
N ARG B 58 25.56 7.32 14.02
CA ARG B 58 24.64 8.27 13.38
C ARG B 58 23.53 8.62 14.37
N PHE B 59 23.38 9.91 14.61
CA PHE B 59 22.34 10.41 15.46
C PHE B 59 21.23 10.98 14.59
N GLY B 60 20.11 10.27 14.51
CA GLY B 60 19.12 10.58 13.49
C GLY B 60 17.89 9.70 13.65
N GLY B 61 16.85 9.99 12.86
CA GLY B 61 15.57 9.29 12.94
C GLY B 61 14.49 10.29 12.55
N THR B 62 13.21 9.92 12.71
CA THR B 62 12.15 10.83 12.33
C THR B 62 12.31 12.16 13.05
N LYS B 63 12.71 12.12 14.34
CA LYS B 63 12.79 13.28 15.20
C LYS B 63 13.85 14.28 14.73
N THR B 64 14.79 13.86 13.87
CA THR B 64 15.82 14.73 13.26
C THR B 64 15.22 16.06 12.78
N ASP B 65 14.03 15.99 12.20
CA ASP B 65 13.44 17.15 11.54
C ASP B 65 12.44 17.86 12.44
N PHE B 66 12.46 17.51 13.74
CA PHE B 66 11.66 18.17 14.76
C PHE B 66 12.53 18.51 15.95
N LEU B 67 13.84 18.64 15.72
CA LEU B 67 14.80 19.02 16.74
C LEU B 67 15.43 20.36 16.38
N ILE B 68 15.40 21.24 17.39
CA ILE B 68 15.86 22.61 17.31
C ILE B 68 16.91 22.87 18.37
N PHE B 69 18.08 23.31 17.92
CA PHE B 69 19.20 23.69 18.76
C PHE B 69 18.85 25.01 19.43
N ASP B 70 18.95 25.06 20.76
CA ASP B 70 18.79 26.27 21.53
C ASP B 70 20.06 26.48 22.35
N PRO B 71 20.92 27.43 21.94
CA PRO B 71 22.14 27.71 22.70
C PRO B 71 21.92 28.36 24.08
N LYS B 72 20.68 28.75 24.41
CA LYS B 72 20.33 29.33 25.71
C LYS B 72 19.86 28.27 26.72
N LYS B 73 19.23 27.19 26.22
CA LYS B 73 18.95 25.99 26.99
C LYS B 73 20.29 25.40 27.45
N GLU B 74 20.27 24.65 28.57
CA GLU B 74 21.49 24.26 29.25
C GLU B 74 22.22 23.13 28.48
N GLN C 1 -13.11 -19.24 -8.93
CA GLN C 1 -11.98 -18.61 -9.67
C GLN C 1 -11.37 -17.50 -8.83
N VAL C 2 -10.38 -16.76 -9.35
CA VAL C 2 -9.78 -15.67 -8.57
C VAL C 2 -10.93 -14.78 -8.14
N GLN C 3 -11.11 -14.51 -6.85
CA GLN C 3 -12.37 -13.92 -6.42
C GLN C 3 -12.30 -13.33 -5.03
N LEU C 4 -12.68 -12.05 -4.92
CA LEU C 4 -12.72 -11.34 -3.65
C LEU C 4 -14.19 -11.10 -3.27
N GLN C 5 -14.56 -11.51 -2.06
CA GLN C 5 -15.93 -11.42 -1.57
C GLN C 5 -15.94 -10.54 -0.33
N GLN C 6 -16.54 -9.36 -0.46
CA GLN C 6 -16.60 -8.41 0.64
C GLN C 6 -17.83 -8.59 1.50
N SER C 7 -17.82 -7.92 2.67
CA SER C 7 -18.82 -8.07 3.72
C SER C 7 -20.19 -7.57 3.26
N GLY C 8 -21.22 -7.80 4.05
CA GLY C 8 -22.52 -7.29 3.67
C GLY C 8 -22.63 -5.79 3.96
N ALA C 9 -23.52 -5.11 3.21
CA ALA C 9 -23.74 -3.68 3.35
C ALA C 9 -24.09 -3.31 4.80
N GLU C 10 -23.51 -2.19 5.26
CA GLU C 10 -23.54 -1.80 6.66
C GLU C 10 -24.22 -0.45 6.79
N LEU C 11 -25.20 -0.36 7.70
CA LEU C 11 -25.97 0.86 7.92
C LEU C 11 -25.60 1.54 9.23
N ALA C 12 -24.30 1.78 9.48
CA ALA C 12 -23.82 2.29 10.76
C ALA C 12 -24.13 3.77 10.99
N LYS C 13 -24.20 4.17 12.27
CA LYS C 13 -24.63 5.49 12.72
C LYS C 13 -23.46 6.46 12.72
N PRO C 14 -23.70 7.80 12.72
CA PRO C 14 -22.65 8.81 12.68
C PRO C 14 -21.67 8.74 13.85
N GLY C 15 -20.43 9.17 13.61
CA GLY C 15 -19.39 9.19 14.63
C GLY C 15 -18.85 7.81 15.03
N ALA C 16 -19.61 6.75 14.74
CA ALA C 16 -19.23 5.37 15.03
C ALA C 16 -18.26 4.88 13.95
N SER C 17 -17.95 3.58 14.02
CA SER C 17 -16.94 2.97 13.16
C SER C 17 -17.44 1.63 12.67
N VAL C 18 -16.74 1.06 11.68
CA VAL C 18 -17.15 -0.20 11.09
C VAL C 18 -15.97 -0.88 10.42
N ARG C 19 -16.05 -2.21 10.37
CA ARG C 19 -15.00 -3.08 9.83
C ARG C 19 -15.52 -3.78 8.56
N MET C 20 -14.89 -3.45 7.43
CA MET C 20 -15.23 -4.09 6.18
C MET C 20 -14.29 -5.27 5.96
N SER C 21 -14.85 -6.32 5.38
CA SER C 21 -14.11 -7.52 5.06
C SER C 21 -13.90 -7.64 3.55
N CYS C 22 -13.01 -8.56 3.13
CA CYS C 22 -12.70 -8.82 1.72
C CYS C 22 -11.90 -10.12 1.58
N LYS C 23 -12.57 -11.26 1.72
CA LYS C 23 -11.91 -12.55 1.56
C LYS C 23 -11.47 -12.80 0.12
N ALA C 24 -10.25 -13.31 -0.06
CA ALA C 24 -9.72 -13.67 -1.37
C ALA C 24 -9.71 -15.18 -1.54
N SER C 25 -9.82 -15.64 -2.80
CA SER C 25 -9.88 -17.05 -3.16
C SER C 25 -9.33 -17.26 -4.58
N GLY C 26 -8.90 -18.48 -4.93
CA GLY C 26 -8.42 -18.76 -6.27
C GLY C 26 -6.93 -18.44 -6.50
N TYR C 27 -6.22 -17.97 -5.46
CA TYR C 27 -4.79 -17.67 -5.59
C TYR C 27 -4.12 -17.59 -4.20
N THR C 28 -2.78 -17.61 -4.18
CA THR C 28 -2.06 -17.47 -2.93
C THR C 28 -2.25 -16.07 -2.39
N PHE C 29 -2.98 -15.94 -1.27
CA PHE C 29 -3.36 -14.65 -0.75
C PHE C 29 -2.17 -13.73 -0.49
N THR C 30 -1.04 -14.30 0.00
CA THR C 30 0.06 -13.52 0.53
C THR C 30 0.98 -12.95 -0.54
N ASN C 31 0.82 -13.37 -1.80
CA ASN C 31 1.71 -13.00 -2.89
C ASN C 31 1.15 -11.85 -3.72
N TYR C 32 0.18 -11.09 -3.15
CA TYR C 32 -0.50 -10.06 -3.93
C TYR C 32 -0.95 -8.91 -3.03
N TRP C 33 -0.74 -7.68 -3.53
CA TRP C 33 -1.05 -6.43 -2.86
C TRP C 33 -2.55 -6.18 -2.97
N MET C 34 -3.21 -5.81 -1.88
CA MET C 34 -4.63 -5.53 -1.91
C MET C 34 -4.91 -4.05 -1.72
N HIS C 35 -5.43 -3.38 -2.76
CA HIS C 35 -5.79 -1.97 -2.69
C HIS C 35 -7.21 -1.83 -2.19
N TRP C 36 -7.60 -0.60 -1.83
CA TRP C 36 -8.96 -0.29 -1.40
C TRP C 36 -9.43 0.98 -2.10
N VAL C 37 -10.57 0.91 -2.79
CA VAL C 37 -11.06 2.04 -3.58
C VAL C 37 -12.47 2.44 -3.14
N LYS C 38 -12.71 3.75 -3.10
CA LYS C 38 -13.90 4.37 -2.54
C LYS C 38 -14.67 4.97 -3.71
N GLN C 39 -16.00 4.75 -3.75
CA GLN C 39 -16.82 5.35 -4.79
C GLN C 39 -17.99 6.07 -4.13
N ARG C 40 -17.91 7.41 -4.12
CA ARG C 40 -18.99 8.25 -3.62
C ARG C 40 -20.18 7.93 -4.49
N PRO C 41 -21.43 7.96 -4.00
CA PRO C 41 -22.56 7.45 -4.78
C PRO C 41 -22.66 8.18 -6.13
N GLY C 42 -22.35 7.45 -7.22
CA GLY C 42 -22.30 7.95 -8.59
C GLY C 42 -21.59 9.30 -8.71
N GLN C 43 -20.42 9.44 -8.08
CA GLN C 43 -19.75 10.73 -8.09
C GLN C 43 -18.32 10.60 -8.57
N GLY C 44 -17.89 9.37 -8.86
CA GLY C 44 -16.54 9.15 -9.32
C GLY C 44 -15.88 7.99 -8.58
N LEU C 45 -14.56 8.05 -8.37
CA LEU C 45 -13.81 6.90 -7.85
C LEU C 45 -12.47 7.34 -7.31
N GLU C 46 -12.02 6.78 -6.17
CA GLU C 46 -10.73 7.21 -5.60
C GLU C 46 -10.05 6.10 -4.79
N TRP C 47 -8.70 6.09 -4.86
CA TRP C 47 -7.85 5.10 -4.20
C TRP C 47 -7.68 5.48 -2.74
N ILE C 48 -7.64 4.47 -1.87
CA ILE C 48 -7.49 4.71 -0.45
C ILE C 48 -6.09 4.26 -0.02
N GLY C 49 -5.73 3.00 -0.33
CA GLY C 49 -4.44 2.50 0.11
C GLY C 49 -4.24 1.03 -0.23
N TYR C 50 -2.97 0.59 -0.34
CA TYR C 50 -2.66 -0.82 -0.57
C TYR C 50 -1.86 -1.38 0.61
N ILE C 51 -1.78 -2.72 0.70
CA ILE C 51 -1.12 -3.40 1.81
C ILE C 51 -0.59 -4.75 1.32
N ASN C 52 0.67 -5.11 1.62
CA ASN C 52 1.15 -6.45 1.30
C ASN C 52 0.92 -7.37 2.50
N PRO C 53 0.27 -8.53 2.32
CA PRO C 53 -0.09 -9.42 3.42
C PRO C 53 1.08 -10.23 4.00
N THR C 54 2.14 -10.53 3.24
CA THR C 54 3.36 -11.10 3.86
C THR C 54 4.14 -10.02 4.64
N THR C 55 4.62 -8.95 3.95
CA THR C 55 5.54 -7.96 4.51
C THR C 55 4.81 -7.12 5.57
N GLY C 56 3.91 -6.23 5.17
CA GLY C 56 3.08 -5.50 6.10
C GLY C 56 3.11 -4.04 5.70
N TYR C 57 3.50 -3.83 4.46
CA TYR C 57 3.83 -2.54 3.91
C TYR C 57 2.55 -1.80 3.59
N THR C 58 2.14 -0.84 4.44
CA THR C 58 0.94 -0.04 4.14
C THR C 58 1.34 1.39 3.74
N GLU C 59 0.65 1.86 2.69
CA GLU C 59 0.74 3.23 2.22
C GLU C 59 -0.68 3.68 1.96
N TYR C 60 -1.03 4.82 2.59
CA TYR C 60 -2.35 5.38 2.49
C TYR C 60 -2.39 6.66 1.67
N ASN C 61 -3.63 7.01 1.31
CA ASN C 61 -3.95 8.26 0.66
C ASN C 61 -3.95 9.34 1.72
N GLN C 62 -3.22 10.42 1.49
CA GLN C 62 -3.16 11.52 2.45
C GLN C 62 -4.56 11.90 2.93
N LYS C 63 -5.54 11.85 2.02
CA LYS C 63 -6.88 12.29 2.37
C LYS C 63 -7.47 11.34 3.41
N PHE C 64 -7.20 10.02 3.26
CA PHE C 64 -7.90 9.00 4.04
C PHE C 64 -7.05 8.47 5.18
N LYS C 65 -5.85 9.03 5.35
CA LYS C 65 -4.91 8.50 6.30
C LYS C 65 -5.44 8.44 7.73
N ASP C 66 -6.19 9.43 8.22
CA ASP C 66 -6.57 9.42 9.63
C ASP C 66 -7.95 8.78 9.84
N LYS C 67 -8.50 8.12 8.81
CA LYS C 67 -9.86 7.59 8.75
C LYS C 67 -9.82 6.08 8.51
N ALA C 68 -8.81 5.62 7.77
CA ALA C 68 -8.69 4.26 7.28
C ALA C 68 -7.52 3.48 7.93
N THR C 69 -7.78 2.21 8.29
CA THR C 69 -6.80 1.32 8.87
C THR C 69 -6.84 -0.06 8.18
N LEU C 70 -6.08 -0.24 7.08
CA LEU C 70 -5.96 -1.52 6.37
C LEU C 70 -5.19 -2.54 7.19
N THR C 71 -5.77 -3.73 7.40
CA THR C 71 -5.17 -4.81 8.15
C THR C 71 -5.35 -6.07 7.27
N ALA C 72 -4.31 -6.92 7.20
CA ALA C 72 -4.42 -8.24 6.57
C ALA C 72 -4.65 -9.31 7.65
N ASP C 73 -4.87 -10.56 7.21
CA ASP C 73 -5.05 -11.71 8.10
C ASP C 73 -4.60 -12.98 7.39
N LYS C 74 -3.28 -13.27 7.46
CA LYS C 74 -2.61 -14.35 6.73
C LYS C 74 -3.31 -15.69 6.91
N SER C 75 -3.88 -15.84 8.11
CA SER C 75 -4.37 -17.12 8.59
C SER C 75 -5.54 -17.59 7.74
N SER C 76 -6.45 -16.64 7.47
CA SER C 76 -7.69 -16.96 6.79
C SER C 76 -7.84 -16.35 5.39
N SER C 77 -6.77 -15.98 4.67
CA SER C 77 -6.89 -15.37 3.34
C SER C 77 -7.89 -14.20 3.27
N THR C 78 -7.97 -13.41 4.36
CA THR C 78 -8.92 -12.32 4.50
C THR C 78 -8.20 -10.97 4.62
N ALA C 79 -8.89 -9.86 4.25
CA ALA C 79 -8.38 -8.51 4.41
C ALA C 79 -9.47 -7.64 5.02
N TYR C 80 -9.06 -6.54 5.67
CA TYR C 80 -9.98 -5.69 6.43
C TYR C 80 -9.62 -4.22 6.24
N MET C 81 -10.62 -3.36 6.53
CA MET C 81 -10.45 -1.92 6.51
C MET C 81 -11.40 -1.32 7.54
N GLN C 82 -10.84 -0.55 8.47
CA GLN C 82 -11.63 0.12 9.48
C GLN C 82 -11.80 1.60 9.16
N LEU C 83 -13.00 2.10 9.44
CA LEU C 83 -13.38 3.45 9.09
C LEU C 83 -13.91 4.14 10.35
N SER C 84 -13.24 5.22 10.74
CA SER C 84 -13.58 5.89 11.98
C SER C 84 -14.05 7.33 11.75
N SER C 85 -14.87 7.83 12.68
CA SER C 85 -15.47 9.16 12.67
C SER C 85 -16.26 9.37 11.38
N LEU C 86 -17.19 8.46 11.17
CA LEU C 86 -17.99 8.41 9.96
C LEU C 86 -18.93 9.60 9.86
N THR C 87 -18.87 10.26 8.69
CA THR C 87 -19.70 11.37 8.27
C THR C 87 -20.41 10.92 6.99
N SER C 88 -21.27 11.78 6.44
CA SER C 88 -21.97 11.45 5.21
C SER C 88 -21.00 11.37 4.04
N GLU C 89 -19.77 11.88 4.24
CA GLU C 89 -18.70 11.86 3.24
C GLU C 89 -18.25 10.42 3.07
N ASP C 90 -18.48 9.63 4.12
CA ASP C 90 -18.04 8.25 4.16
C ASP C 90 -19.15 7.31 3.70
N SER C 91 -20.34 7.85 3.41
CA SER C 91 -21.41 7.05 2.85
C SER C 91 -21.10 6.83 1.38
N ALA C 92 -20.69 5.60 1.07
CA ALA C 92 -20.22 5.26 -0.26
C ALA C 92 -19.97 3.76 -0.40
N VAL C 93 -19.52 3.39 -1.60
CA VAL C 93 -19.22 2.01 -1.94
C VAL C 93 -17.70 1.84 -1.88
N TYR C 94 -17.23 0.82 -1.16
CA TYR C 94 -15.82 0.56 -1.01
C TYR C 94 -15.45 -0.75 -1.68
N TYR C 95 -14.54 -0.68 -2.66
CA TYR C 95 -14.10 -1.86 -3.38
C TYR C 95 -12.75 -2.27 -2.82
N CYS C 96 -12.42 -3.57 -2.94
CA CYS C 96 -11.12 -4.12 -2.54
C CYS C 96 -10.54 -4.79 -3.79
N ALA C 97 -9.35 -4.36 -4.23
CA ALA C 97 -8.76 -4.87 -5.46
C ALA C 97 -7.55 -5.76 -5.16
N ARG C 98 -6.72 -6.02 -6.15
CA ARG C 98 -5.61 -6.95 -5.98
C ARG C 98 -4.53 -6.50 -6.97
N GLY C 99 -3.54 -7.36 -7.29
CA GLY C 99 -2.83 -7.20 -8.55
C GLY C 99 -1.30 -7.11 -8.43
N GLY C 100 -0.73 -7.16 -7.25
CA GLY C 100 0.71 -6.97 -7.14
C GLY C 100 1.46 -8.28 -6.94
N ALA C 101 2.03 -8.86 -8.01
CA ALA C 101 2.80 -10.07 -7.86
C ALA C 101 4.13 -9.75 -7.15
N GLY C 102 4.25 -10.09 -5.88
CA GLY C 102 5.51 -9.85 -5.20
C GLY C 102 5.30 -9.27 -3.81
N TYR C 103 6.37 -8.69 -3.25
CA TYR C 103 6.37 -8.23 -1.88
C TYR C 103 6.79 -6.75 -1.79
N ASP C 104 7.32 -6.19 -2.87
CA ASP C 104 7.94 -4.86 -2.83
C ASP C 104 7.05 -3.89 -3.58
N TYR C 105 7.23 -2.60 -3.28
CA TYR C 105 6.29 -1.57 -3.69
C TYR C 105 6.26 -1.55 -5.23
N ASP C 106 7.47 -1.56 -5.85
CA ASP C 106 7.67 -1.39 -7.29
C ASP C 106 7.10 -2.58 -8.08
N GLU C 107 6.61 -3.61 -7.36
CA GLU C 107 6.08 -4.82 -7.96
C GLU C 107 4.57 -4.69 -8.13
N ASP C 108 3.96 -3.60 -7.67
CA ASP C 108 2.56 -3.37 -7.93
C ASP C 108 2.44 -2.30 -8.99
N TYR C 109 1.80 -2.63 -10.10
CA TYR C 109 1.69 -1.66 -11.16
C TYR C 109 0.22 -1.48 -11.53
N ALA C 110 -0.70 -2.39 -11.14
CA ALA C 110 -2.08 -2.34 -11.62
C ALA C 110 -2.95 -3.31 -10.85
N MET C 111 -4.25 -3.02 -10.79
CA MET C 111 -5.19 -3.79 -9.98
C MET C 111 -5.96 -4.75 -10.87
N ASP C 112 -5.86 -6.07 -10.62
CA ASP C 112 -6.31 -7.11 -11.55
C ASP C 112 -7.76 -7.50 -11.34
N TYR C 113 -8.03 -8.04 -10.16
CA TYR C 113 -9.37 -8.47 -9.81
C TYR C 113 -9.91 -7.65 -8.63
N TRP C 114 -11.23 -7.44 -8.63
CA TRP C 114 -11.90 -6.51 -7.72
C TRP C 114 -12.99 -7.24 -6.93
N GLY C 115 -13.43 -6.60 -5.85
CA GLY C 115 -14.54 -7.08 -5.04
C GLY C 115 -15.85 -6.53 -5.57
N GLN C 116 -16.94 -6.92 -4.93
CA GLN C 116 -18.27 -6.50 -5.33
C GLN C 116 -18.57 -5.13 -4.73
N GLY C 117 -17.78 -4.66 -3.75
CA GLY C 117 -18.01 -3.37 -3.12
C GLY C 117 -18.93 -3.51 -1.91
N THR C 118 -18.73 -2.70 -0.87
CA THR C 118 -19.62 -2.72 0.29
C THR C 118 -20.26 -1.34 0.46
N SER C 119 -21.59 -1.25 0.32
CA SER C 119 -22.29 0.01 0.53
C SER C 119 -22.29 0.34 2.03
N VAL C 120 -21.70 1.48 2.40
CA VAL C 120 -21.77 1.95 3.79
C VAL C 120 -22.69 3.17 3.84
N THR C 121 -23.66 3.15 4.75
CA THR C 121 -24.65 4.21 4.87
C THR C 121 -24.58 4.80 6.27
N VAL C 122 -24.35 6.11 6.36
CA VAL C 122 -24.26 6.81 7.65
C VAL C 122 -25.34 7.89 7.83
N SER C 123 -26.45 7.52 8.50
CA SER C 123 -27.50 8.37 9.04
C SER C 123 -28.08 7.65 10.26
N SER C 124 -28.53 8.29 11.35
CA SER C 124 -29.04 7.51 12.47
C SER C 124 -30.50 7.20 12.25
N ALA C 125 -31.03 7.62 11.10
CA ALA C 125 -32.38 7.34 10.70
C ALA C 125 -32.64 5.84 10.80
N LYS C 126 -33.84 5.45 11.20
CA LYS C 126 -34.12 4.08 11.59
C LYS C 126 -34.30 3.16 10.38
N THR C 127 -34.31 1.86 10.66
CA THR C 127 -34.39 0.78 9.68
C THR C 127 -35.83 0.29 9.60
N THR C 128 -36.42 0.36 8.38
CA THR C 128 -37.84 0.08 8.18
C THR C 128 -38.05 -0.94 7.05
N PRO C 129 -38.87 -2.00 7.28
CA PRO C 129 -39.20 -2.98 6.25
C PRO C 129 -40.10 -2.38 5.18
N PRO C 130 -39.92 -2.81 3.92
CA PRO C 130 -40.71 -2.31 2.79
C PRO C 130 -42.14 -2.84 2.80
N SER C 131 -43.01 -2.19 2.03
CA SER C 131 -44.31 -2.73 1.71
C SER C 131 -44.32 -3.02 0.21
N VAL C 132 -44.56 -4.29 -0.19
CA VAL C 132 -44.57 -4.68 -1.60
C VAL C 132 -46.02 -4.70 -2.13
N TYR C 133 -46.26 -3.95 -3.23
CA TYR C 133 -47.58 -3.90 -3.84
C TYR C 133 -47.49 -4.39 -5.28
N PRO C 134 -48.38 -5.34 -5.68
CA PRO C 134 -48.42 -5.85 -7.05
C PRO C 134 -49.06 -4.88 -8.05
N LEU C 135 -48.47 -4.73 -9.25
CA LEU C 135 -48.97 -3.82 -10.27
C LEU C 135 -49.45 -4.57 -11.52
N ALA C 136 -50.75 -4.51 -11.78
CA ALA C 136 -51.36 -5.00 -13.00
C ALA C 136 -52.60 -4.13 -13.21
N PRO C 137 -53.47 -4.39 -14.21
CA PRO C 137 -54.85 -3.88 -14.17
C PRO C 137 -55.58 -4.56 -13.00
N GLY C 138 -56.79 -4.11 -12.60
CA GLY C 138 -57.48 -4.71 -11.46
C GLY C 138 -57.40 -6.24 -11.47
N SER C 139 -57.76 -6.80 -12.63
CA SER C 139 -57.48 -8.18 -13.02
C SER C 139 -56.77 -8.12 -14.37
N ALA C 140 -55.59 -8.75 -14.54
CA ALA C 140 -54.83 -8.58 -15.77
C ALA C 140 -55.64 -9.10 -16.98
N ALA C 141 -55.39 -8.54 -18.17
CA ALA C 141 -56.20 -8.86 -19.34
C ALA C 141 -55.39 -9.71 -20.32
N GLN C 142 -55.92 -10.84 -20.75
CA GLN C 142 -55.31 -11.61 -21.83
C GLN C 142 -55.31 -10.76 -23.12
N THR C 143 -56.21 -9.78 -23.19
CA THR C 143 -56.22 -8.74 -24.23
C THR C 143 -54.84 -8.12 -24.38
N ASN C 144 -54.11 -7.96 -23.26
CA ASN C 144 -52.78 -7.37 -23.28
C ASN C 144 -51.94 -8.30 -24.14
N SER C 145 -51.42 -7.86 -25.28
CA SER C 145 -50.72 -8.80 -26.14
C SER C 145 -49.36 -9.20 -25.60
N MET C 146 -48.48 -8.26 -25.26
CA MET C 146 -47.36 -8.52 -24.35
C MET C 146 -47.78 -8.03 -22.97
N VAL C 147 -47.92 -8.96 -22.02
CA VAL C 147 -48.41 -8.64 -20.70
C VAL C 147 -47.21 -8.12 -19.91
N THR C 148 -47.27 -6.83 -19.55
CA THR C 148 -46.25 -6.18 -18.75
C THR C 148 -46.82 -5.82 -17.39
N LEU C 149 -46.23 -6.40 -16.34
CA LEU C 149 -46.72 -6.25 -14.97
C LEU C 149 -45.61 -5.63 -14.12
N GLY C 150 -45.95 -5.14 -12.92
CA GLY C 150 -45.01 -4.38 -12.11
C GLY C 150 -45.04 -4.79 -10.63
N CYS C 151 -44.03 -4.32 -9.87
CA CYS C 151 -43.96 -4.53 -8.43
C CYS C 151 -43.45 -3.26 -7.77
N LEU C 152 -44.28 -2.62 -6.93
CA LEU C 152 -43.89 -1.41 -6.23
C LEU C 152 -43.46 -1.73 -4.80
N VAL C 153 -42.22 -1.33 -4.45
CA VAL C 153 -41.64 -1.47 -3.13
C VAL C 153 -41.48 -0.08 -2.51
N LYS C 154 -42.27 0.18 -1.45
CA LYS C 154 -42.31 1.51 -0.85
C LYS C 154 -42.07 1.49 0.66
N GLY C 155 -41.43 2.55 1.16
CA GLY C 155 -41.25 2.77 2.59
C GLY C 155 -40.20 1.88 3.26
N TYR C 156 -38.97 1.83 2.70
CA TYR C 156 -37.92 1.01 3.29
C TYR C 156 -36.61 1.76 3.59
N PHE C 157 -35.85 1.23 4.55
CA PHE C 157 -34.54 1.72 4.93
C PHE C 157 -33.78 0.57 5.60
N PRO C 158 -32.47 0.38 5.36
CA PRO C 158 -31.72 1.09 4.32
C PRO C 158 -31.59 0.21 3.10
N GLU C 159 -30.85 0.73 2.12
CA GLU C 159 -30.54 -0.05 0.94
C GLU C 159 -29.94 -1.39 1.40
N PRO C 160 -29.88 -2.44 0.55
CA PRO C 160 -30.53 -2.48 -0.76
C PRO C 160 -31.76 -3.37 -0.74
N VAL C 161 -32.33 -3.61 -1.92
CA VAL C 161 -33.40 -4.60 -2.06
C VAL C 161 -33.16 -5.48 -3.28
N THR C 162 -33.44 -6.78 -3.13
CA THR C 162 -33.28 -7.75 -4.21
C THR C 162 -34.63 -8.03 -4.84
N VAL C 163 -34.81 -7.68 -6.12
CA VAL C 163 -36.05 -7.89 -6.84
C VAL C 163 -35.81 -8.92 -7.93
N THR C 164 -36.66 -9.96 -7.95
CA THR C 164 -36.75 -10.92 -9.05
C THR C 164 -38.22 -11.13 -9.43
N TRP C 165 -38.52 -11.92 -10.49
CA TRP C 165 -39.91 -11.98 -10.96
C TRP C 165 -40.64 -13.32 -10.83
N ASN C 166 -39.96 -14.42 -11.14
CA ASN C 166 -40.52 -15.76 -11.00
C ASN C 166 -39.42 -16.64 -10.42
N SER C 167 -38.95 -16.35 -9.21
CA SER C 167 -37.91 -17.12 -8.53
C SER C 167 -36.65 -17.20 -9.38
N GLY C 168 -36.30 -16.09 -10.03
CA GLY C 168 -35.10 -16.03 -10.86
C GLY C 168 -35.44 -16.31 -12.32
N SER C 169 -36.64 -16.87 -12.54
CA SER C 169 -37.15 -17.02 -13.88
C SER C 169 -37.64 -15.65 -14.32
N LEU C 170 -38.03 -15.54 -15.57
CA LEU C 170 -38.36 -14.27 -16.20
C LEU C 170 -37.16 -13.31 -16.29
N SER C 171 -36.00 -13.81 -16.72
CA SER C 171 -34.88 -12.93 -17.01
C SER C 171 -35.11 -12.28 -18.37
N SER C 172 -34.50 -11.11 -18.56
CA SER C 172 -34.43 -10.39 -19.83
C SER C 172 -35.68 -9.60 -20.18
N GLY C 173 -36.70 -9.53 -19.34
CA GLY C 173 -37.75 -8.56 -19.61
C GLY C 173 -37.86 -7.57 -18.46
N VAL C 174 -36.84 -7.55 -17.58
CA VAL C 174 -36.92 -6.93 -16.26
C VAL C 174 -36.34 -5.52 -16.32
N HIS C 175 -37.15 -4.55 -15.88
CA HIS C 175 -36.73 -3.17 -15.73
C HIS C 175 -36.91 -2.79 -14.26
N THR C 176 -35.83 -2.97 -13.46
CA THR C 176 -35.81 -2.64 -12.04
C THR C 176 -35.16 -1.27 -11.83
N PHE C 177 -35.97 -0.36 -11.30
CA PHE C 177 -35.69 1.07 -11.33
C PHE C 177 -34.92 1.53 -10.08
N PRO C 178 -33.96 2.44 -10.28
CA PRO C 178 -33.20 3.08 -9.19
C PRO C 178 -34.10 3.67 -8.09
N ALA C 179 -33.88 3.24 -6.85
CA ALA C 179 -34.60 3.76 -5.69
C ALA C 179 -34.30 5.24 -5.44
N VAL C 180 -35.34 6.06 -5.31
CA VAL C 180 -35.16 7.47 -5.00
C VAL C 180 -35.59 7.67 -3.54
N LEU C 181 -34.79 8.45 -2.81
CA LEU C 181 -35.01 8.71 -1.40
C LEU C 181 -36.20 9.64 -1.20
N GLN C 182 -37.01 9.33 -0.17
CA GLN C 182 -38.14 10.14 0.27
C GLN C 182 -37.90 10.72 1.67
N SER C 183 -36.92 11.62 1.83
CA SER C 183 -36.60 12.25 3.10
C SER C 183 -36.05 11.22 4.10
N ASP C 184 -36.84 10.23 4.53
CA ASP C 184 -36.32 9.28 5.51
C ASP C 184 -36.35 7.85 4.98
N LEU C 185 -37.01 7.63 3.83
CA LEU C 185 -37.20 6.27 3.35
C LEU C 185 -36.96 6.15 1.85
N TYR C 186 -36.71 4.92 1.39
CA TYR C 186 -36.48 4.67 -0.01
C TYR C 186 -37.73 4.11 -0.67
N THR C 187 -37.75 4.13 -2.00
CA THR C 187 -38.84 3.55 -2.78
C THR C 187 -38.41 3.24 -4.20
N LEU C 188 -38.68 2.01 -4.68
CA LEU C 188 -38.38 1.65 -6.05
C LEU C 188 -39.52 0.82 -6.64
N SER C 189 -39.41 0.47 -7.93
CA SER C 189 -40.44 -0.30 -8.64
C SER C 189 -39.80 -1.04 -9.81
N SER C 190 -40.35 -2.19 -10.23
CA SER C 190 -39.89 -2.93 -11.40
C SER C 190 -41.05 -3.33 -12.31
N SER C 191 -40.76 -3.68 -13.57
CA SER C 191 -41.79 -4.18 -14.51
C SER C 191 -41.22 -5.20 -15.49
N VAL C 192 -42.06 -6.14 -15.98
CA VAL C 192 -41.59 -7.19 -16.91
C VAL C 192 -42.57 -7.53 -18.03
N THR C 193 -42.08 -7.50 -19.28
CA THR C 193 -42.85 -7.80 -20.49
C THR C 193 -42.91 -9.32 -20.71
N VAL C 194 -44.08 -9.88 -21.03
CA VAL C 194 -44.26 -11.31 -21.24
C VAL C 194 -45.34 -11.47 -22.32
N PRO C 195 -45.49 -12.63 -22.98
CA PRO C 195 -46.58 -12.88 -23.92
C PRO C 195 -48.01 -12.90 -23.36
N SER C 196 -48.96 -12.91 -24.31
CA SER C 196 -50.41 -12.93 -24.08
C SER C 196 -50.80 -14.17 -23.29
N SER C 197 -50.10 -15.26 -23.61
CA SER C 197 -50.51 -16.62 -23.29
C SER C 197 -50.22 -16.97 -21.84
N PRO C 198 -49.07 -16.58 -21.22
CA PRO C 198 -48.80 -16.90 -19.83
C PRO C 198 -49.72 -16.35 -18.75
N ARG C 199 -50.06 -15.06 -18.80
CA ARG C 199 -50.83 -14.41 -17.73
C ARG C 199 -52.06 -15.24 -17.32
N PRO C 200 -52.99 -15.58 -18.25
CA PRO C 200 -54.25 -16.22 -17.89
C PRO C 200 -54.14 -17.51 -17.08
N SER C 201 -53.20 -18.40 -17.46
CA SER C 201 -53.10 -19.73 -16.88
C SER C 201 -51.85 -19.93 -16.02
N GLU C 202 -50.97 -18.92 -15.95
CA GLU C 202 -49.72 -18.94 -15.20
C GLU C 202 -49.59 -17.77 -14.25
N THR C 203 -49.27 -18.05 -12.97
CA THR C 203 -49.00 -17.04 -11.97
C THR C 203 -47.72 -16.27 -12.29
N VAL C 204 -47.69 -15.04 -11.77
CA VAL C 204 -46.54 -14.17 -11.85
C VAL C 204 -46.35 -13.58 -10.46
N THR C 205 -45.23 -13.91 -9.78
CA THR C 205 -44.97 -13.51 -8.40
C THR C 205 -43.56 -12.95 -8.27
N CYS C 206 -43.43 -11.63 -8.05
CA CYS C 206 -42.12 -11.01 -7.92
C CYS C 206 -41.53 -11.21 -6.51
N ASN C 207 -40.26 -11.62 -6.46
CA ASN C 207 -39.59 -12.01 -5.22
C ASN C 207 -38.76 -10.84 -4.70
N VAL C 208 -39.22 -10.26 -3.58
CA VAL C 208 -38.54 -9.13 -2.95
C VAL C 208 -37.74 -9.63 -1.75
N ALA C 209 -36.57 -9.00 -1.52
CA ALA C 209 -35.76 -9.35 -0.36
C ALA C 209 -35.16 -8.10 0.30
N HIS C 210 -35.42 -7.93 1.62
CA HIS C 210 -34.86 -6.84 2.43
C HIS C 210 -34.09 -7.43 3.59
N PRO C 211 -32.77 -7.65 3.42
CA PRO C 211 -31.97 -8.32 4.44
C PRO C 211 -31.90 -7.55 5.76
N ALA C 212 -31.83 -6.22 5.66
CA ALA C 212 -31.63 -5.37 6.82
C ALA C 212 -32.71 -5.62 7.88
N SER C 213 -33.96 -5.81 7.43
CA SER C 213 -35.10 -6.06 8.30
C SER C 213 -35.39 -7.56 8.37
N SER C 214 -34.71 -8.35 7.52
CA SER C 214 -34.81 -9.80 7.51
C SER C 214 -36.12 -10.27 6.86
N THR C 215 -36.64 -9.55 5.86
CA THR C 215 -37.94 -9.88 5.27
C THR C 215 -37.76 -10.40 3.83
N LYS C 216 -38.34 -11.60 3.53
CA LYS C 216 -38.57 -12.07 2.17
C LYS C 216 -40.07 -12.09 1.86
N VAL C 217 -40.44 -11.45 0.74
CA VAL C 217 -41.85 -11.27 0.39
C VAL C 217 -42.07 -11.62 -1.08
N ASP C 218 -43.02 -12.56 -1.26
CA ASP C 218 -43.52 -12.97 -2.57
C ASP C 218 -44.91 -12.34 -2.73
N LYS C 219 -45.16 -11.71 -3.89
CA LYS C 219 -46.42 -11.03 -4.12
C LYS C 219 -46.98 -11.47 -5.49
N LYS C 220 -48.11 -12.20 -5.46
CA LYS C 220 -48.74 -12.65 -6.69
C LYS C 220 -49.43 -11.46 -7.37
N ILE C 221 -49.30 -11.40 -8.70
CA ILE C 221 -49.96 -10.36 -9.49
C ILE C 221 -51.30 -10.93 -9.93
N VAL C 222 -52.41 -10.30 -9.57
CA VAL C 222 -53.72 -10.90 -9.78
C VAL C 222 -54.55 -10.05 -10.76
N ASP D 1 0.62 12.36 -6.17
CA ASP D 1 -0.56 13.21 -6.47
C ASP D 1 -0.35 13.87 -7.82
N ILE D 2 -0.10 13.03 -8.82
CA ILE D 2 -0.11 13.49 -10.19
C ILE D 2 -1.57 13.73 -10.55
N VAL D 3 -1.95 14.89 -11.14
CA VAL D 3 -3.35 15.21 -11.41
C VAL D 3 -3.84 14.46 -12.64
N LEU D 4 -4.88 13.65 -12.50
CA LEU D 4 -5.39 12.95 -13.66
C LEU D 4 -6.66 13.61 -14.15
N THR D 5 -6.59 14.16 -15.38
CA THR D 5 -7.68 14.88 -16.02
C THR D 5 -8.16 14.16 -17.28
N GLN D 6 -9.45 13.78 -17.32
CA GLN D 6 -9.95 12.99 -18.43
C GLN D 6 -10.71 13.80 -19.45
N SER D 7 -10.08 14.02 -20.61
CA SER D 7 -10.47 15.00 -21.61
C SER D 7 -11.98 15.00 -21.93
N PRO D 8 -12.64 13.98 -22.54
CA PRO D 8 -14.12 13.97 -22.68
C PRO D 8 -14.77 13.51 -21.38
N ALA D 9 -15.89 14.08 -20.91
CA ALA D 9 -16.49 13.57 -19.67
C ALA D 9 -17.66 12.64 -19.97
N SER D 10 -18.37 12.91 -21.07
CA SER D 10 -19.28 11.97 -21.70
C SER D 10 -19.10 12.09 -23.21
N LEU D 11 -19.41 11.02 -23.93
CA LEU D 11 -19.37 11.05 -25.38
C LEU D 11 -20.41 10.07 -25.88
N ALA D 12 -21.29 10.53 -26.75
CA ALA D 12 -22.13 9.60 -27.49
C ALA D 12 -21.41 9.24 -28.79
N VAL D 13 -21.27 7.94 -29.07
CA VAL D 13 -20.59 7.44 -30.25
C VAL D 13 -21.48 6.38 -30.86
N SER D 14 -21.40 6.27 -32.19
CA SER D 14 -22.33 5.47 -32.96
C SER D 14 -21.81 4.03 -33.08
N LEU D 15 -22.69 3.04 -32.83
CA LEU D 15 -22.36 1.63 -32.90
C LEU D 15 -21.58 1.32 -34.19
N GLY D 16 -20.35 0.80 -34.09
CA GLY D 16 -19.55 0.47 -35.26
C GLY D 16 -18.38 1.44 -35.46
N GLN D 17 -18.56 2.68 -35.01
CA GLN D 17 -17.55 3.73 -35.15
C GLN D 17 -16.51 3.56 -34.05
N ARG D 18 -15.43 4.37 -34.11
CA ARG D 18 -14.35 4.31 -33.13
C ARG D 18 -14.56 5.39 -32.07
N ALA D 19 -14.42 4.98 -30.81
CA ALA D 19 -14.46 5.89 -29.66
C ALA D 19 -13.04 6.16 -29.16
N THR D 20 -12.73 7.45 -28.92
CA THR D 20 -11.38 7.92 -28.57
C THR D 20 -11.42 8.77 -27.30
N ILE D 21 -10.98 8.19 -26.17
CA ILE D 21 -11.01 8.84 -24.87
C ILE D 21 -9.60 9.29 -24.54
N SER D 22 -9.48 10.54 -24.10
CA SER D 22 -8.18 11.05 -23.67
C SER D 22 -8.06 10.98 -22.16
N CYS D 23 -6.80 10.81 -21.69
CA CYS D 23 -6.42 10.98 -20.30
C CYS D 23 -5.12 11.79 -20.24
N ARG D 24 -5.05 12.78 -19.37
CA ARG D 24 -3.85 13.56 -19.29
C ARG D 24 -3.41 13.49 -17.85
N ALA D 25 -2.19 13.91 -17.59
CA ALA D 25 -1.69 13.90 -16.22
C ALA D 25 -0.83 15.13 -15.96
N SER D 26 -0.71 15.54 -14.70
CA SER D 26 0.36 16.41 -14.26
C SER D 26 1.68 15.65 -14.37
N GLU D 27 2.82 16.28 -14.10
CA GLU D 27 4.11 15.58 -13.99
C GLU D 27 4.36 14.74 -15.25
N SER D 28 4.71 13.46 -15.09
CA SER D 28 4.78 12.52 -16.19
C SER D 28 4.64 11.11 -15.62
N VAL D 29 4.00 10.22 -16.38
CA VAL D 29 3.78 8.87 -15.92
C VAL D 29 4.80 7.97 -16.62
N GLU D 30 6.09 8.17 -16.38
CA GLU D 30 7.03 7.27 -17.03
C GLU D 30 8.26 7.10 -16.17
N TYR D 31 8.47 5.88 -15.61
CA TYR D 31 9.67 5.49 -14.87
C TYR D 31 10.53 4.54 -15.72
N PHE D 32 11.84 4.79 -15.80
CA PHE D 32 12.71 4.12 -16.75
C PHE D 32 12.12 4.39 -18.13
N GLY D 33 11.62 3.37 -18.85
CA GLY D 33 11.03 3.66 -20.15
C GLY D 33 9.63 3.08 -20.29
N THR D 34 8.95 2.89 -19.15
CA THR D 34 7.64 2.23 -19.07
C THR D 34 6.61 3.24 -18.55
N SER D 35 5.46 3.40 -19.22
CA SER D 35 4.51 4.44 -18.83
C SER D 35 3.37 3.80 -18.05
N TYR D 36 3.29 4.13 -16.76
CA TYR D 36 2.39 3.47 -15.82
C TYR D 36 0.97 4.01 -15.85
N MET D 37 0.23 3.82 -16.97
CA MET D 37 -1.17 4.20 -17.08
C MET D 37 -2.07 2.95 -17.04
N ASN D 38 -3.27 3.10 -16.46
CA ASN D 38 -4.18 1.97 -16.34
C ASN D 38 -5.63 2.41 -16.65
N TRP D 39 -6.32 1.62 -17.48
CA TRP D 39 -7.69 1.90 -17.93
C TRP D 39 -8.65 0.85 -17.36
N TYR D 40 -9.78 1.31 -16.79
CA TYR D 40 -10.80 0.42 -16.27
C TYR D 40 -12.16 0.71 -16.88
N GLN D 41 -13.15 -0.13 -16.53
CA GLN D 41 -14.50 -0.01 -17.07
C GLN D 41 -15.56 -0.34 -16.02
N GLN D 42 -16.11 0.71 -15.37
CA GLN D 42 -17.20 0.57 -14.41
C GLN D 42 -18.49 0.42 -15.20
N LYS D 43 -19.05 -0.79 -15.24
CA LYS D 43 -20.32 -0.98 -15.91
C LYS D 43 -21.36 -0.43 -14.95
N PRO D 44 -22.66 -0.34 -15.25
CA PRO D 44 -23.44 0.65 -14.51
C PRO D 44 -23.41 0.46 -12.99
N GLY D 45 -23.72 -0.77 -12.59
CA GLY D 45 -23.89 -1.10 -11.18
C GLY D 45 -22.84 -2.11 -10.78
N GLN D 46 -21.74 -2.10 -11.51
CA GLN D 46 -20.74 -3.15 -11.39
C GLN D 46 -19.36 -2.58 -11.14
N PRO D 47 -18.46 -3.33 -10.46
CA PRO D 47 -17.08 -2.88 -10.27
C PRO D 47 -16.31 -2.74 -11.57
N PRO D 48 -15.36 -1.79 -11.61
CA PRO D 48 -14.52 -1.55 -12.79
C PRO D 48 -13.76 -2.82 -13.08
N LYS D 49 -13.37 -3.04 -14.32
CA LYS D 49 -12.40 -4.10 -14.53
C LYS D 49 -11.31 -3.63 -15.47
N LEU D 50 -10.12 -4.12 -15.16
CA LEU D 50 -8.90 -3.71 -15.83
C LEU D 50 -8.99 -4.10 -17.30
N LEU D 51 -8.74 -3.11 -18.16
CA LEU D 51 -8.76 -3.27 -19.60
C LEU D 51 -7.31 -3.34 -20.11
N ILE D 52 -6.54 -2.29 -19.83
CA ILE D 52 -5.21 -2.12 -20.40
C ILE D 52 -4.27 -1.65 -19.30
N TYR D 53 -3.10 -2.28 -19.18
CA TYR D 53 -2.09 -1.86 -18.20
C TYR D 53 -0.83 -1.39 -18.91
N LEU D 54 -0.06 -0.56 -18.20
CA LEU D 54 1.18 0.00 -18.70
C LEU D 54 0.97 0.66 -20.05
N ALA D 55 -0.17 1.35 -20.15
CA ALA D 55 -0.60 2.14 -21.30
C ALA D 55 -0.97 1.30 -22.55
N SER D 56 -0.18 0.30 -22.96
CA SER D 56 -0.47 -0.43 -24.20
C SER D 56 -0.56 -1.94 -24.04
N ILE D 57 -0.98 -2.45 -22.87
CA ILE D 57 -1.07 -3.90 -22.75
C ILE D 57 -2.46 -4.40 -22.31
N LEU D 58 -3.08 -5.16 -23.21
CA LEU D 58 -4.45 -5.66 -23.08
C LEU D 58 -4.48 -6.77 -22.03
N GLU D 59 -5.21 -6.56 -20.92
CA GLU D 59 -5.37 -7.62 -19.93
C GLU D 59 -6.12 -8.79 -20.58
N SER D 60 -6.36 -9.85 -19.77
CA SER D 60 -6.97 -11.11 -20.19
C SER D 60 -8.49 -10.98 -20.21
N GLY D 61 -9.11 -11.71 -21.16
CA GLY D 61 -10.54 -11.62 -21.41
C GLY D 61 -10.94 -10.35 -22.18
N ILE D 62 -10.02 -9.40 -22.26
CA ILE D 62 -10.24 -8.13 -22.91
C ILE D 62 -10.12 -8.31 -24.43
N PRO D 63 -11.13 -7.87 -25.20
CA PRO D 63 -11.13 -7.99 -26.66
C PRO D 63 -10.02 -7.15 -27.27
N ALA D 64 -9.52 -7.62 -28.44
CA ALA D 64 -8.45 -7.01 -29.23
C ALA D 64 -8.80 -5.61 -29.74
N ARG D 65 -10.07 -5.18 -29.63
CA ARG D 65 -10.52 -3.88 -30.16
C ARG D 65 -10.17 -2.71 -29.23
N PHE D 66 -10.08 -2.94 -27.93
CA PHE D 66 -9.63 -1.86 -27.05
C PHE D 66 -8.13 -1.67 -27.21
N SER D 67 -7.64 -0.43 -27.36
CA SER D 67 -6.24 -0.19 -27.67
C SER D 67 -5.75 1.09 -27.00
N GLY D 68 -4.73 0.92 -26.18
CA GLY D 68 -4.12 2.03 -25.47
C GLY D 68 -2.89 2.53 -26.23
N SER D 69 -2.74 3.86 -26.31
CA SER D 69 -1.56 4.48 -26.85
C SER D 69 -1.24 5.73 -26.01
N GLY D 70 -0.08 6.31 -26.33
CA GLY D 70 0.42 7.51 -25.67
C GLY D 70 1.71 7.23 -24.89
N SER D 71 2.31 8.28 -24.32
CA SER D 71 3.32 8.12 -23.28
C SER D 71 3.76 9.50 -22.83
N GLY D 72 4.39 9.51 -21.66
CA GLY D 72 4.69 10.75 -20.97
C GLY D 72 3.47 11.18 -20.15
N THR D 73 2.69 12.13 -20.68
CA THR D 73 1.50 12.60 -20.00
C THR D 73 0.26 12.44 -20.86
N ASP D 74 0.39 12.00 -22.12
CA ASP D 74 -0.75 12.00 -23.01
C ASP D 74 -1.13 10.56 -23.36
N PHE D 75 -2.31 10.10 -22.89
CA PHE D 75 -2.75 8.72 -23.10
C PHE D 75 -4.14 8.65 -23.73
N THR D 76 -4.35 7.61 -24.54
CA THR D 76 -5.54 7.51 -25.38
C THR D 76 -6.05 6.08 -25.48
N LEU D 77 -7.29 5.88 -25.00
CA LEU D 77 -8.04 4.63 -25.16
C LEU D 77 -8.81 4.70 -26.47
N ASN D 78 -8.92 3.56 -27.15
CA ASN D 78 -9.54 3.56 -28.46
C ASN D 78 -10.22 2.22 -28.64
N ILE D 79 -11.54 2.28 -28.88
CA ILE D 79 -12.40 1.13 -29.11
C ILE D 79 -12.77 1.13 -30.59
N HIS D 80 -12.66 -0.02 -31.27
CA HIS D 80 -12.98 -0.05 -32.69
C HIS D 80 -13.31 -1.46 -33.12
N PRO D 81 -14.57 -1.88 -33.29
CA PRO D 81 -15.73 -1.01 -33.32
C PRO D 81 -16.33 -0.82 -31.93
N VAL D 82 -17.34 0.05 -31.87
CA VAL D 82 -18.08 0.29 -30.64
C VAL D 82 -19.27 -0.68 -30.63
N GLU D 83 -19.41 -1.44 -29.54
CA GLU D 83 -20.54 -2.37 -29.40
C GLU D 83 -21.40 -1.90 -28.23
N GLU D 84 -22.54 -2.59 -28.04
CA GLU D 84 -23.56 -2.13 -27.11
C GLU D 84 -23.06 -2.22 -25.67
N GLU D 85 -22.38 -3.34 -25.35
CA GLU D 85 -21.80 -3.61 -24.05
C GLU D 85 -20.87 -2.48 -23.61
N ASP D 86 -20.15 -1.84 -24.55
CA ASP D 86 -19.09 -0.89 -24.25
C ASP D 86 -19.61 0.30 -23.45
N ALA D 87 -20.93 0.51 -23.42
CA ALA D 87 -21.45 1.64 -22.64
C ALA D 87 -21.05 1.51 -21.17
N ALA D 88 -20.35 2.53 -20.64
CA ALA D 88 -19.80 2.50 -19.30
C ALA D 88 -19.09 3.81 -19.00
N THR D 89 -18.66 3.96 -17.75
CA THR D 89 -17.73 5.02 -17.37
C THR D 89 -16.32 4.42 -17.44
N TYR D 90 -15.44 5.01 -18.24
CA TYR D 90 -14.07 4.54 -18.42
C TYR D 90 -13.12 5.38 -17.57
N TYR D 91 -12.27 4.72 -16.77
CA TYR D 91 -11.37 5.41 -15.86
C TYR D 91 -9.90 5.16 -16.22
N CYS D 92 -9.14 6.25 -16.22
CA CYS D 92 -7.71 6.17 -16.41
C CYS D 92 -7.09 6.51 -15.05
N GLN D 93 -6.15 5.65 -14.62
CA GLN D 93 -5.52 5.66 -13.31
C GLN D 93 -4.01 5.54 -13.47
N GLN D 94 -3.27 6.34 -12.71
CA GLN D 94 -1.83 6.33 -12.74
C GLN D 94 -1.35 5.41 -11.62
N SER D 95 -0.34 4.60 -11.94
CA SER D 95 0.27 3.67 -11.02
C SER D 95 1.70 4.14 -10.67
N ASN D 96 2.17 5.21 -11.35
CA ASN D 96 3.54 5.72 -11.39
C ASN D 96 4.13 6.01 -10.01
N GLU D 97 3.31 6.29 -9.01
CA GLU D 97 3.90 6.51 -7.71
C GLU D 97 2.79 6.44 -6.68
N ASP D 98 3.16 6.43 -5.41
CA ASP D 98 2.22 6.52 -4.31
C ASP D 98 2.10 7.97 -3.84
N PRO D 99 0.89 8.54 -3.76
CA PRO D 99 -0.33 7.76 -3.93
C PRO D 99 -0.79 7.67 -5.39
N TYR D 100 -1.63 6.66 -5.65
CA TYR D 100 -2.21 6.52 -6.97
C TYR D 100 -3.37 7.50 -7.11
N THR D 101 -3.46 8.11 -8.29
CA THR D 101 -4.56 9.02 -8.57
C THR D 101 -5.44 8.37 -9.65
N PHE D 102 -6.70 8.85 -9.72
CA PHE D 102 -7.70 8.39 -10.69
C PHE D 102 -8.31 9.54 -11.46
N GLY D 103 -8.42 9.40 -12.78
CA GLY D 103 -9.08 10.41 -13.60
C GLY D 103 -10.56 10.55 -13.23
N GLY D 104 -11.18 11.66 -13.67
CA GLY D 104 -12.59 11.93 -13.44
C GLY D 104 -13.50 10.79 -13.90
N GLY D 105 -13.45 10.44 -15.18
CA GLY D 105 -14.25 9.33 -15.67
C GLY D 105 -14.98 9.79 -16.90
N THR D 106 -14.78 9.11 -18.02
CA THR D 106 -15.46 9.45 -19.26
C THR D 106 -16.55 8.43 -19.54
N LYS D 107 -17.81 8.87 -19.65
CA LYS D 107 -18.93 7.97 -19.87
C LYS D 107 -19.23 7.86 -21.36
N LEU D 108 -19.58 6.65 -21.81
CA LEU D 108 -19.87 6.40 -23.21
C LEU D 108 -21.38 6.15 -23.41
N GLU D 109 -22.07 7.01 -24.17
CA GLU D 109 -23.39 6.68 -24.71
C GLU D 109 -23.21 5.96 -26.07
N ILE D 110 -24.10 5.02 -26.42
CA ILE D 110 -24.21 4.56 -27.79
C ILE D 110 -25.33 5.33 -28.52
N LYS D 111 -25.00 5.83 -29.72
CA LYS D 111 -25.98 6.48 -30.58
C LYS D 111 -26.72 5.39 -31.33
N ARG D 112 -27.70 4.80 -30.67
CA ARG D 112 -28.66 3.96 -31.37
C ARG D 112 -29.60 4.84 -32.19
N ALA D 113 -30.25 4.23 -33.20
CA ALA D 113 -31.41 4.78 -33.88
C ALA D 113 -32.43 5.25 -32.84
N ASP D 114 -33.17 6.34 -33.10
CA ASP D 114 -34.24 6.78 -32.21
C ASP D 114 -35.22 5.63 -31.99
N ALA D 115 -35.81 5.54 -30.78
CA ALA D 115 -36.85 4.55 -30.47
C ALA D 115 -37.93 5.25 -29.66
N ALA D 116 -39.17 4.78 -29.78
CA ALA D 116 -40.29 5.37 -29.07
C ALA D 116 -40.54 4.66 -27.75
N PRO D 117 -40.85 5.43 -26.69
CA PRO D 117 -41.11 4.87 -25.36
C PRO D 117 -42.33 3.95 -25.27
N THR D 118 -42.14 2.77 -24.67
CA THR D 118 -43.21 1.81 -24.46
C THR D 118 -43.91 2.13 -23.12
N VAL D 119 -44.70 3.21 -23.12
CA VAL D 119 -45.34 3.72 -21.92
C VAL D 119 -46.37 2.74 -21.37
N SER D 120 -46.63 2.81 -20.05
CA SER D 120 -47.56 1.96 -19.31
C SER D 120 -47.99 2.64 -18.00
N ILE D 121 -49.26 2.49 -17.61
CA ILE D 121 -49.78 3.13 -16.40
C ILE D 121 -50.47 2.08 -15.53
N PHE D 122 -50.19 2.10 -14.22
CA PHE D 122 -50.75 1.10 -13.31
C PHE D 122 -51.46 1.77 -12.13
N PRO D 123 -52.69 1.31 -11.78
CA PRO D 123 -53.47 1.82 -10.66
C PRO D 123 -52.94 1.33 -9.31
N PRO D 124 -53.23 2.07 -8.22
CA PRO D 124 -52.85 1.68 -6.86
C PRO D 124 -53.35 0.28 -6.52
N SER D 125 -52.54 -0.46 -5.75
CA SER D 125 -52.85 -1.82 -5.34
C SER D 125 -53.98 -1.82 -4.31
N SER D 126 -54.75 -2.92 -4.32
CA SER D 126 -55.87 -3.11 -3.42
C SER D 126 -55.41 -2.86 -1.98
N GLU D 127 -54.27 -3.49 -1.65
CA GLU D 127 -53.71 -3.48 -0.30
C GLU D 127 -53.24 -2.07 0.07
N GLN D 128 -52.54 -1.42 -0.85
CA GLN D 128 -51.99 -0.10 -0.59
C GLN D 128 -53.11 0.86 -0.19
N LEU D 129 -54.24 0.74 -0.89
CA LEU D 129 -55.36 1.64 -0.67
C LEU D 129 -55.86 1.52 0.76
N THR D 130 -56.02 0.29 1.22
CA THR D 130 -56.57 -0.02 2.54
C THR D 130 -55.67 0.59 3.63
N SER D 131 -54.37 0.75 3.31
CA SER D 131 -53.38 1.28 4.24
C SER D 131 -53.52 2.78 4.42
N GLY D 132 -54.09 3.49 3.44
CA GLY D 132 -54.37 4.91 3.56
C GLY D 132 -53.49 5.70 2.60
N GLY D 133 -52.79 5.02 1.71
CA GLY D 133 -51.98 5.72 0.74
C GLY D 133 -52.21 5.17 -0.65
N ALA D 134 -52.10 6.01 -1.70
CA ALA D 134 -52.42 5.66 -3.09
C ALA D 134 -51.32 6.12 -4.04
N SER D 135 -50.82 5.20 -4.86
CA SER D 135 -49.73 5.53 -5.77
C SER D 135 -49.97 4.99 -7.17
N VAL D 136 -49.95 5.90 -8.16
CA VAL D 136 -50.14 5.58 -9.56
C VAL D 136 -48.76 5.54 -10.24
N VAL D 137 -48.43 4.38 -10.82
CA VAL D 137 -47.13 4.19 -11.47
C VAL D 137 -47.24 4.23 -12.99
N CYS D 138 -46.28 4.91 -13.62
CA CYS D 138 -46.19 4.98 -15.07
C CYS D 138 -44.78 4.64 -15.56
N PHE D 139 -44.66 3.53 -16.30
CA PHE D 139 -43.38 3.09 -16.83
C PHE D 139 -43.26 3.41 -18.31
N LEU D 140 -42.24 4.17 -18.68
CA LEU D 140 -41.92 4.50 -20.07
C LEU D 140 -40.62 3.75 -20.35
N ASN D 141 -40.66 2.73 -21.19
CA ASN D 141 -39.51 1.86 -21.33
C ASN D 141 -38.90 1.99 -22.71
N ASN D 142 -37.66 1.57 -22.85
CA ASN D 142 -37.03 1.39 -24.14
C ASN D 142 -37.22 2.58 -25.09
N PHE D 143 -36.66 3.71 -24.66
CA PHE D 143 -36.62 4.89 -25.52
C PHE D 143 -35.20 5.41 -25.71
N TYR D 144 -35.01 6.24 -26.74
CA TYR D 144 -33.73 6.91 -26.98
C TYR D 144 -34.00 8.10 -27.88
N PRO D 145 -33.37 9.28 -27.68
CA PRO D 145 -32.41 9.54 -26.60
C PRO D 145 -33.00 9.54 -25.20
N LYS D 146 -32.14 9.85 -24.21
CA LYS D 146 -32.43 9.81 -22.79
C LYS D 146 -33.49 10.84 -22.38
N ASP D 147 -33.55 11.97 -23.10
CA ASP D 147 -34.46 13.08 -22.82
C ASP D 147 -35.92 12.70 -23.02
N ILE D 148 -36.76 13.07 -22.04
CA ILE D 148 -38.19 12.79 -22.01
C ILE D 148 -38.86 13.60 -20.90
N ASN D 149 -40.19 13.78 -21.02
CA ASN D 149 -40.97 14.60 -20.11
C ASN D 149 -42.34 13.98 -19.82
N VAL D 150 -42.61 13.73 -18.55
CA VAL D 150 -43.86 13.13 -18.13
C VAL D 150 -44.76 14.19 -17.46
N LYS D 151 -45.96 14.35 -17.99
CA LYS D 151 -46.88 15.32 -17.40
C LYS D 151 -48.08 14.55 -16.84
N TRP D 152 -48.19 14.51 -15.51
CA TRP D 152 -49.30 13.83 -14.88
C TRP D 152 -50.57 14.69 -14.92
N LYS D 153 -51.69 14.05 -15.29
CA LYS D 153 -52.98 14.73 -15.35
C LYS D 153 -54.00 13.97 -14.52
N ILE D 154 -54.77 14.73 -13.72
CA ILE D 154 -55.82 14.18 -12.88
C ILE D 154 -57.15 14.89 -13.20
N ASP D 155 -57.98 14.24 -14.02
CA ASP D 155 -59.23 14.84 -14.46
C ASP D 155 -58.91 16.12 -15.22
N GLY D 156 -57.91 16.04 -16.10
CA GLY D 156 -57.57 17.10 -17.02
C GLY D 156 -56.68 18.19 -16.42
N SER D 157 -56.42 18.12 -15.11
CA SER D 157 -55.60 19.08 -14.38
C SER D 157 -54.20 18.49 -14.13
N GLU D 158 -53.16 19.25 -14.50
CA GLU D 158 -51.77 18.82 -14.42
C GLU D 158 -51.33 18.77 -12.96
N ARG D 159 -50.84 17.61 -12.51
CA ARG D 159 -50.28 17.43 -11.17
C ARG D 159 -48.75 17.55 -11.20
N GLN D 160 -48.21 18.50 -10.43
CA GLN D 160 -46.79 18.85 -10.48
C GLN D 160 -46.09 18.56 -9.16
N ASN D 161 -46.86 18.30 -8.09
CA ASN D 161 -46.35 18.15 -6.72
C ASN D 161 -46.80 16.78 -6.18
N GLY D 162 -45.84 15.88 -5.95
CA GLY D 162 -46.14 14.54 -5.43
C GLY D 162 -45.61 13.41 -6.31
N VAL D 163 -44.79 13.78 -7.31
CA VAL D 163 -44.26 12.84 -8.28
C VAL D 163 -42.78 12.53 -7.95
N LEU D 164 -42.37 11.28 -8.22
CA LEU D 164 -41.02 10.78 -8.03
C LEU D 164 -40.57 10.04 -9.28
N ASN D 165 -39.47 10.48 -9.92
CA ASN D 165 -38.99 9.94 -11.18
C ASN D 165 -37.67 9.18 -11.03
N SER D 166 -37.38 8.26 -11.96
CA SER D 166 -36.13 7.50 -11.93
C SER D 166 -35.77 6.86 -13.27
N TRP D 167 -34.66 7.34 -13.87
CA TRP D 167 -34.10 6.83 -15.12
C TRP D 167 -33.08 5.72 -14.84
N THR D 168 -33.13 4.62 -15.59
CA THR D 168 -32.11 3.58 -15.51
C THR D 168 -30.91 4.04 -16.32
N ASP D 169 -29.73 3.42 -16.10
CA ASP D 169 -28.57 3.58 -16.96
C ASP D 169 -28.86 2.97 -18.32
N GLN D 170 -27.97 3.27 -19.28
CA GLN D 170 -28.14 2.84 -20.66
C GLN D 170 -28.11 1.31 -20.64
N ASP D 171 -29.11 0.65 -21.25
CA ASP D 171 -29.09 -0.80 -21.34
C ASP D 171 -27.92 -1.26 -22.21
N SER D 172 -27.33 -2.37 -21.76
CA SER D 172 -26.14 -2.93 -22.38
C SER D 172 -26.52 -3.84 -23.55
N LYS D 173 -27.79 -4.26 -23.62
CA LYS D 173 -28.29 -5.16 -24.64
C LYS D 173 -28.89 -4.41 -25.84
N ASP D 174 -29.94 -3.60 -25.63
CA ASP D 174 -30.62 -2.89 -26.71
C ASP D 174 -30.17 -1.41 -26.82
N SER D 175 -29.32 -0.94 -25.88
CA SER D 175 -28.79 0.43 -25.85
C SER D 175 -29.87 1.50 -25.66
N THR D 176 -30.98 1.13 -25.01
CA THR D 176 -32.11 2.03 -24.76
C THR D 176 -32.01 2.68 -23.37
N TYR D 177 -32.98 3.55 -23.08
CA TYR D 177 -33.15 4.12 -21.76
C TYR D 177 -34.56 3.85 -21.23
N SER D 178 -34.64 3.65 -19.92
CA SER D 178 -35.95 3.43 -19.34
C SER D 178 -36.16 4.41 -18.20
N MET D 179 -37.43 4.55 -17.81
CA MET D 179 -37.82 5.51 -16.80
C MET D 179 -39.05 5.02 -16.05
N SER D 180 -39.23 5.52 -14.82
CA SER D 180 -40.34 5.15 -13.95
C SER D 180 -40.90 6.36 -13.19
N SER D 181 -42.07 6.83 -13.63
CA SER D 181 -42.71 7.97 -13.00
C SER D 181 -43.78 7.47 -12.05
N THR D 182 -43.71 7.94 -10.78
CA THR D 182 -44.67 7.55 -9.76
C THR D 182 -45.29 8.76 -9.08
N LEU D 183 -46.63 8.77 -9.02
CA LEU D 183 -47.39 9.82 -8.37
C LEU D 183 -48.04 9.27 -7.13
N THR D 184 -47.94 9.98 -5.99
CA THR D 184 -48.42 9.47 -4.71
C THR D 184 -49.44 10.44 -4.09
N LEU D 185 -50.56 9.90 -3.61
CA LEU D 185 -51.65 10.67 -3.03
C LEU D 185 -52.05 10.04 -1.72
N THR D 186 -52.71 10.80 -0.86
CA THR D 186 -53.29 10.23 0.33
C THR D 186 -54.67 9.73 -0.10
N LYS D 187 -55.30 8.86 0.66
CA LYS D 187 -56.71 8.55 0.49
C LYS D 187 -57.49 9.86 0.61
N ASP D 188 -58.61 10.02 -0.09
CA ASP D 188 -59.36 11.27 -0.05
C ASP D 188 -58.80 12.30 -1.02
N GLU D 189 -57.69 11.97 -1.68
CA GLU D 189 -57.26 12.64 -2.90
C GLU D 189 -57.47 11.70 -4.07
N TYR D 190 -57.25 10.40 -3.79
CA TYR D 190 -57.45 9.37 -4.80
C TYR D 190 -58.94 9.14 -5.05
N GLU D 191 -59.76 9.07 -4.00
CA GLU D 191 -61.17 8.74 -4.19
C GLU D 191 -61.91 9.90 -4.86
N ARG D 192 -61.40 11.13 -4.67
CA ARG D 192 -61.92 12.37 -5.22
C ARG D 192 -61.95 12.37 -6.75
N HIS D 193 -61.09 11.59 -7.42
CA HIS D 193 -61.02 11.71 -8.86
C HIS D 193 -61.26 10.38 -9.59
N ASN D 194 -61.49 10.50 -10.90
CA ASN D 194 -61.83 9.33 -11.71
C ASN D 194 -60.72 9.02 -12.69
N SER D 195 -60.33 9.98 -13.53
CA SER D 195 -59.29 9.71 -14.53
C SER D 195 -57.92 10.26 -14.11
N TYR D 196 -56.92 9.43 -14.36
CA TYR D 196 -55.51 9.74 -14.10
C TYR D 196 -54.74 9.47 -15.40
N THR D 197 -54.13 10.53 -15.96
CA THR D 197 -53.39 10.39 -17.21
C THR D 197 -51.88 10.58 -17.00
N CYS D 198 -51.12 9.73 -17.70
CA CYS D 198 -49.67 9.81 -17.75
C CYS D 198 -49.29 10.21 -19.17
N GLU D 199 -48.85 11.45 -19.36
CA GLU D 199 -48.48 11.93 -20.68
C GLU D 199 -46.96 12.00 -20.82
N ALA D 200 -46.42 11.59 -21.98
CA ALA D 200 -44.98 11.52 -22.17
C ALA D 200 -44.53 12.19 -23.47
N THR D 201 -43.72 13.24 -23.35
CA THR D 201 -43.28 14.03 -24.47
C THR D 201 -41.88 13.58 -24.87
N HIS D 202 -41.79 12.88 -25.99
CA HIS D 202 -40.50 12.46 -26.49
C HIS D 202 -40.25 13.02 -27.90
N LYS D 203 -38.99 12.97 -28.34
CA LYS D 203 -38.61 13.45 -29.67
C LYS D 203 -39.28 12.62 -30.76
N THR D 204 -39.55 11.33 -30.48
CA THR D 204 -40.06 10.42 -31.49
C THR D 204 -41.46 10.86 -31.94
N SER D 205 -42.40 11.08 -31.02
CA SER D 205 -43.76 11.50 -31.32
C SER D 205 -43.92 13.00 -31.65
N THR D 206 -44.70 13.38 -32.69
CA THR D 206 -45.02 14.79 -32.95
C THR D 206 -45.51 15.43 -31.65
N SER D 207 -46.33 14.63 -30.96
CA SER D 207 -47.24 15.06 -29.92
C SER D 207 -47.28 13.98 -28.85
N PRO D 208 -47.47 14.36 -27.58
CA PRO D 208 -47.35 13.43 -26.47
C PRO D 208 -48.08 12.09 -26.51
N ILE D 209 -47.40 11.07 -25.98
CA ILE D 209 -47.97 9.75 -25.79
C ILE D 209 -48.81 9.75 -24.52
N VAL D 210 -50.07 9.32 -24.63
CA VAL D 210 -51.02 9.42 -23.53
C VAL D 210 -51.53 8.04 -23.13
N LYS D 211 -51.39 7.74 -21.83
CA LYS D 211 -51.86 6.51 -21.19
C LYS D 211 -52.70 6.89 -19.96
N SER D 212 -53.87 6.25 -19.82
CA SER D 212 -54.82 6.66 -18.79
C SER D 212 -55.69 5.50 -18.29
N PHE D 213 -56.37 5.75 -17.16
CA PHE D 213 -57.25 4.78 -16.53
C PHE D 213 -58.31 5.57 -15.75
N ASN D 214 -59.49 4.98 -15.54
CA ASN D 214 -60.57 5.59 -14.77
C ASN D 214 -60.78 4.78 -13.49
N ARG D 215 -61.07 5.46 -12.38
CA ARG D 215 -61.10 4.83 -11.07
C ARG D 215 -62.22 3.78 -11.02
N ASN D 216 -63.16 3.89 -11.97
CA ASN D 216 -64.29 3.00 -12.17
C ASN D 216 -63.86 1.85 -13.06
N GLU D 217 -62.95 1.01 -12.56
CA GLU D 217 -62.31 -0.01 -13.37
C GLU D 217 -62.06 -1.23 -12.50
N CYS D 218 -62.44 -2.41 -13.04
CA CYS D 218 -62.47 -3.65 -12.27
C CYS D 218 -61.51 -4.67 -12.92
C1 NAG E . 11.07 -29.37 6.98
C2 NAG E . 9.70 -29.76 7.60
C3 NAG E . 8.60 -30.14 6.59
C4 NAG E . 8.65 -29.29 5.32
C5 NAG E . 10.10 -29.38 4.85
C6 NAG E . 10.42 -28.88 3.46
C7 NAG E . 10.18 -30.49 9.86
C8 NAG E . 11.05 -31.44 10.62
N2 NAG E . 9.95 -30.79 8.58
O3 NAG E . 7.30 -30.07 7.20
O4 NAG E . 7.74 -29.75 4.31
O5 NAG E . 10.86 -28.62 5.80
O6 NAG E . 11.63 -29.56 3.01
O7 NAG E . 9.74 -29.46 10.37
H1 NAG E . 11.59 -30.20 6.76
H2 NAG E . 9.37 -28.97 8.07
H3 NAG E . 8.76 -31.09 6.33
H4 NAG E . 8.44 -28.36 5.53
H5 NAG E . 10.38 -30.33 4.90
H61 NAG E . 10.57 -27.91 3.49
H62 NAG E . 9.68 -29.07 2.85
H81 NAG E . 11.41 -31.96 10.06
H82 NAG E . 10.37 -31.86 11.25
H83 NAG E . 11.56 -30.84 11.16
HN2 NAG E . 9.92 -31.63 8.33
HO3 NAG E . 6.69 -30.47 6.65
HO4 NAG E . 7.79 -30.36 3.99
C1 FUC E . 12.71 -28.77 2.57
C2 FUC E . 13.84 -28.71 3.59
C3 FUC E . 14.53 -30.05 3.76
C4 FUC E . 15.09 -30.53 2.42
C5 FUC E . 14.06 -30.46 1.28
C6 FUC E . 14.69 -30.50 -0.08
O2 FUC E . 13.45 -28.10 4.83
O3 FUC E . 15.59 -29.93 4.71
O4 FUC E . 16.23 -29.78 2.03
O5 FUC E . 13.28 -29.22 1.33
H1 FUC E . 12.38 -27.84 2.41
H2 FUC E . 14.51 -28.11 3.19
H3 FUC E . 13.87 -30.71 4.10
H4 FUC E . 15.36 -31.49 2.52
H5 FUC E . 13.44 -31.22 1.38
H61 FUC E . 15.03 -29.62 -0.31
H62 FUC E . 14.03 -30.77 -0.74
H63 FUC E . 15.42 -31.14 -0.09
HO2 FUC E . 14.09 -27.90 5.26
HO3 FUC E . 16.14 -29.40 4.34
HO4 FUC E . 15.91 -29.07 1.64
C1 NAG F . 10.92 22.23 -6.76
C2 NAG F . 10.48 22.64 -8.17
C3 NAG F . 10.55 24.15 -8.45
C4 NAG F . 9.96 24.98 -7.31
C5 NAG F . 10.60 24.51 -5.99
C6 NAG F . 10.05 25.22 -4.76
C7 NAG F . 10.95 20.86 -9.79
C8 NAG F . 10.98 20.90 -11.29
N2 NAG F . 11.29 22.00 -9.19
O3 NAG F . 9.91 24.45 -9.69
O4 NAG F . 10.19 26.37 -7.56
O5 NAG F . 10.34 23.11 -5.79
O6 NAG F . 10.27 24.44 -3.58
O7 NAG F . 10.59 19.86 -9.17
H1 NAG F . 11.90 22.29 -6.68
H2 NAG F . 9.55 22.35 -8.29
H3 NAG F . 11.51 24.39 -8.54
H4 NAG F . 8.98 24.82 -7.27
H5 NAG F . 11.57 24.66 -6.04
H61 NAG F . 9.10 25.38 -4.87
H62 NAG F . 10.50 26.09 -4.66
H81 NAG F . 11.58 21.78 -11.46
H82 NAG F . 10.21 21.00 -11.65
H83 NAG F . 11.57 20.19 -11.56
HN2 NAG F . 12.05 22.37 -9.41
HO3 NAG F . 10.07 25.29 -9.90
HO4 NAG F . 11.03 26.56 -7.62
HO6 NAG F . 11.11 24.37 -3.47
C1 NAG G . 15.35 32.37 9.32
C2 NAG G . 14.59 33.51 8.62
C3 NAG G . 14.87 34.88 9.24
C4 NAG G . 14.83 34.86 10.76
C5 NAG G . 15.77 33.76 11.23
C6 NAG G . 15.91 33.66 12.74
C7 NAG G . 14.20 34.04 6.26
C8 NAG G . 14.93 34.73 5.14
N2 NAG G . 14.95 33.50 7.22
O3 NAG G . 13.98 35.89 8.75
O4 NAG G . 15.21 36.14 11.28
O5 NAG G . 15.25 32.50 10.74
O6 NAG G . 14.83 32.94 13.29
O7 NAG G . 12.97 34.00 6.31
H1 NAG G . 16.31 32.42 9.07
H2 NAG G . 13.63 33.31 8.69
H3 NAG G . 15.79 35.14 8.96
H4 NAG G . 13.91 34.66 11.06
H5 NAG G . 16.66 33.92 10.84
H61 NAG G . 15.93 34.56 13.13
H62 NAG G . 16.74 33.21 12.96
H81 NAG G . 15.77 34.44 5.20
H82 NAG G . 14.71 35.63 5.23
H83 NAG G . 14.45 34.35 4.32
HN2 NAG G . 15.70 33.11 6.98
HO3 NAG G . 14.32 36.67 9.00
HO4 NAG G . 15.97 36.40 11.01
HO6 NAG G . 14.92 32.21 13.03
C1 NAG H . 39.35 15.16 11.91
C2 NAG H . 39.54 13.76 11.32
C3 NAG H . 40.83 13.75 10.47
C4 NAG H . 40.65 14.75 9.32
C5 NAG H . 40.28 16.15 9.85
C6 NAG H . 39.90 17.10 8.71
C7 NAG H . 38.79 11.59 12.28
C8 NAG H . 38.79 10.73 13.51
N2 NAG H . 39.44 12.76 12.38
O3 NAG H . 41.22 12.44 10.02
O4 NAG H . 41.81 14.89 8.48
O5 NAG H . 39.20 16.13 10.84
O6 NAG H . 38.69 17.86 8.90
O7 NAG H . 38.23 11.23 11.25
H1 NAG H . 40.14 15.40 12.44
H2 NAG H . 38.79 13.59 10.71
H3 NAG H . 41.55 14.09 11.06
H4 NAG H . 39.90 14.44 8.75
H5 NAG H . 41.08 16.52 10.30
H61 NAG H . 39.80 16.58 7.89
H62 NAG H . 40.63 17.74 8.57
H81 NAG H . 38.83 11.33 14.25
H82 NAG H . 39.18 10.03 13.44
H83 NAG H . 37.67 10.51 13.55
HN2 NAG H . 39.82 12.94 13.15
HO3 NAG H . 42.12 12.47 9.81
HO4 NAG H . 42.44 15.07 8.72
HO6 NAG H . 38.81 18.37 9.63
#